data_6UGH
#
_entry.id   6UGH
#
_cell.length_a   1.00
_cell.length_b   1.00
_cell.length_c   1.00
_cell.angle_alpha   90.00
_cell.angle_beta   90.00
_cell.angle_gamma   90.00
#
_symmetry.space_group_name_H-M   'P 1'
#
loop_
_entity.id
_entity.type
_entity.pdbx_description
1 polymer 'Protein arginine N-methyltransferase 5'
2 polymer 'Methylosome protein 50'
#
loop_
_entity_poly.entity_id
_entity_poly.type
_entity_poly.pdbx_seq_one_letter_code
_entity_poly.pdbx_strand_id
1 'polypeptide(L)'
;MDYKDDDDKGRATMAAMAVGGAGGSRVSSGRDLNCVPEIADTLGAVAKQGFDFLCMPVFHPRFKREFIQEPAKNRPGPQT
RSDLLLSGRDWNTLIVGKLSPWIRPDSKVEKIRRNSEAAMLQELNFGAYLGLPAFLLPLNQEDNTNLARVLTNHIHTGHH
SSMFWMRVPLVAPEDLRDDIIENAPTTHTEEYSGEEKTWMWWHNFRTLCDYSKRIAVALEIGADLPSNHVIDRWLGEPIK
AAILPTSIFLTNKKGFPVLSKMHQRLIFRLLKLEVQFIITGTNHHSEKEFCSYLQYLEYLSQNRPPPNAYELFAKGYEDY
LQSPLQPLMDNLESQTYEVFEKDPIKYSQYQQAIYKCLLDRVPEEEKDTNVQVLMVLGAGRGPLVNASLRAAKQADRRIK
LYAVEKNPNAVVTLENWQFEEWGSQVTVVSSDMREWVAPEKADIIVSELLGSFADNELSPECLDGAQHFLKDDGVSIPGE
YTSFLAPISSSKLYNEVRACREKDRDPEAQFEMPYVVRLHNFHQLSAPQPCFTFSHPNRDPMIDNNRYCTLEFPVEVNTV
LHGFAGYFETVLYQDITLSIRPETHSPGMFSWFPILFPIKQPITVREGQTICVRFWRCSNSKKVWYEWAVTAPVCSAIHN
PTGRSYTIGL
;
A
2 'polypeptide(L)'
;MSYYHHHHHHDYDIPTTENLYFQGAMGSRKETPPPLVPPAAREWNLPPNAPACMERQLEAARYRSDGALLLGASSLSGRC
WAGSLWLFKDPCAAPNEGFCSAGVQTEAGVADLTWVGERGILVASDSGAVELWELDENETLIVSKFCKYEHDDIVSTVSV
LSSGTQAVSGSKDICIKVWDLAQQVVLSSYRAHAAQVTCVAASPHKDSVFLSCSEDNRILLWDTRCPKPASQIGCSAPGY
LPTSLAWHPQQSEVFVFGDENGTVSLVDTKSTSCVLSSAVHSQCVTGLVFSPHSVPFLASLSEDCSLAVLDSSLSELFRS
QAHRDFVRDATWSPLNHSLLTTVGWDHQVVHHVVPTEPLPAPGPASVTE
;
B
#
# COMPACT_ATOMS: atom_id res chain seq x y z
N ARG A 26 1.52 -20.67 0.14
CA ARG A 26 2.69 -20.25 0.90
C ARG A 26 2.95 -18.76 0.75
N VAL A 27 3.49 -18.16 1.81
CA VAL A 27 3.78 -16.73 1.81
C VAL A 27 4.76 -16.38 0.68
N SER A 28 4.62 -15.17 0.18
CA SER A 28 5.56 -14.57 -0.76
C SER A 28 6.10 -13.31 -0.11
N SER A 29 7.38 -13.02 -0.32
CA SER A 29 8.05 -11.98 0.44
C SER A 29 9.16 -11.34 -0.35
N GLY A 30 9.66 -10.23 0.18
CA GLY A 30 10.67 -9.45 -0.49
C GLY A 30 11.39 -8.51 0.44
N ARG A 31 12.51 -7.98 -0.06
CA ARG A 31 13.43 -7.16 0.72
C ARG A 31 13.43 -5.74 0.18
N ASP A 32 13.32 -4.77 1.08
CA ASP A 32 13.36 -3.35 0.73
C ASP A 32 14.73 -2.82 1.12
N LEU A 33 15.64 -2.81 0.15
CA LEU A 33 16.99 -2.28 0.34
C LEU A 33 17.11 -0.99 -0.42
N ASN A 34 17.40 0.10 0.30
CA ASN A 34 17.74 1.36 -0.32
C ASN A 34 19.21 1.44 -0.73
N CYS A 35 20.05 0.59 -0.16
CA CYS A 35 21.46 0.47 -0.54
C CYS A 35 21.63 -0.81 -1.35
N VAL A 36 22.22 -0.68 -2.52
CA VAL A 36 22.47 -1.81 -3.40
C VAL A 36 23.83 -1.56 -4.03
N PRO A 37 24.93 -2.01 -3.43
CA PRO A 37 26.23 -1.67 -4.00
C PRO A 37 26.44 -2.33 -5.34
N GLU A 38 26.24 -3.64 -5.42
CA GLU A 38 26.22 -4.36 -6.68
C GLU A 38 25.05 -5.32 -6.66
N ILE A 39 24.35 -5.42 -7.80
CA ILE A 39 23.05 -6.05 -7.83
C ILE A 39 23.17 -7.57 -7.72
N ALA A 40 24.24 -8.14 -8.27
CA ALA A 40 24.42 -9.58 -8.15
C ALA A 40 24.85 -9.97 -6.74
N ASP A 41 25.59 -9.09 -6.07
CA ASP A 41 25.99 -9.34 -4.69
C ASP A 41 24.78 -9.27 -3.77
N THR A 42 23.94 -8.27 -3.97
CA THR A 42 22.74 -8.11 -3.14
C THR A 42 21.72 -9.20 -3.46
N LEU A 43 21.33 -9.30 -4.73
CA LEU A 43 20.39 -10.33 -5.14
C LEU A 43 20.93 -11.72 -4.89
N GLY A 44 22.25 -11.87 -4.84
CA GLY A 44 22.83 -13.17 -4.51
C GLY A 44 22.60 -13.53 -3.06
N ALA A 45 22.96 -12.64 -2.14
CA ALA A 45 22.73 -12.88 -0.73
C ALA A 45 21.26 -12.75 -0.35
N VAL A 46 20.48 -11.99 -1.11
CA VAL A 46 19.07 -11.83 -0.80
C VAL A 46 18.32 -13.13 -1.09
N ALA A 47 18.50 -13.67 -2.29
CA ALA A 47 17.76 -14.87 -2.68
C ALA A 47 18.12 -16.06 -1.80
N LYS A 48 19.36 -16.11 -1.32
CA LYS A 48 19.77 -17.19 -0.44
C LYS A 48 19.01 -17.14 0.88
N GLN A 49 18.64 -15.95 1.33
CA GLN A 49 17.83 -15.81 2.53
C GLN A 49 16.37 -16.12 2.28
N GLY A 50 15.98 -16.39 1.04
CA GLY A 50 14.65 -16.87 0.73
C GLY A 50 13.66 -15.83 0.29
N PHE A 51 14.08 -14.58 0.14
CA PHE A 51 13.18 -13.57 -0.37
C PHE A 51 12.88 -13.82 -1.85
N ASP A 52 11.62 -13.61 -2.23
CA ASP A 52 11.23 -13.81 -3.62
C ASP A 52 11.67 -12.66 -4.51
N PHE A 53 11.70 -11.44 -3.97
CA PHE A 53 12.06 -10.29 -4.78
C PHE A 53 12.75 -9.23 -3.95
N LEU A 54 13.38 -8.29 -4.66
CA LEU A 54 14.11 -7.18 -4.09
C LEU A 54 13.46 -5.89 -4.57
N CYS A 55 13.11 -5.02 -3.64
CA CYS A 55 12.75 -3.66 -3.95
C CYS A 55 14.00 -2.79 -3.88
N MET A 56 14.34 -2.15 -5.00
CA MET A 56 15.56 -1.38 -5.09
C MET A 56 15.32 -0.20 -6.00
N PRO A 57 16.12 0.86 -5.90
CA PRO A 57 15.90 2.03 -6.73
C PRO A 57 16.61 1.93 -8.08
N VAL A 58 15.97 2.50 -9.10
CA VAL A 58 16.53 2.44 -10.44
C VAL A 58 17.67 3.44 -10.63
N PHE A 59 17.69 4.49 -9.82
CA PHE A 59 18.76 5.48 -9.79
C PHE A 59 19.22 5.59 -8.36
N HIS A 60 20.46 6.02 -8.16
CA HIS A 60 20.96 6.16 -6.80
C HIS A 60 20.16 7.23 -6.08
N PRO A 61 19.72 7.01 -4.83
CA PRO A 61 18.75 7.93 -4.24
C PRO A 61 19.32 9.26 -3.79
N ARG A 62 20.63 9.37 -3.66
CA ARG A 62 21.30 10.63 -3.36
C ARG A 62 21.75 11.38 -4.60
N PHE A 63 21.71 10.74 -5.76
CA PHE A 63 22.20 11.31 -7.02
C PHE A 63 21.14 12.23 -7.61
N LYS A 64 21.06 13.43 -7.06
CA LYS A 64 20.17 14.43 -7.61
C LYS A 64 20.55 14.75 -9.05
N ARG A 65 19.54 15.11 -9.82
CA ARG A 65 19.68 15.40 -11.23
C ARG A 65 18.98 16.70 -11.54
N GLU A 66 19.59 17.47 -12.44
CA GLU A 66 19.05 18.72 -12.90
C GLU A 66 18.80 18.60 -14.40
N PHE A 67 17.70 19.13 -14.83
CA PHE A 67 17.29 19.12 -16.22
C PHE A 67 17.00 20.51 -16.76
N ILE A 68 16.41 21.39 -15.95
CA ILE A 68 16.02 22.71 -16.42
C ILE A 68 17.15 23.73 -16.25
N GLN A 69 18.08 23.47 -15.33
CA GLN A 69 19.02 24.47 -14.86
C GLN A 69 20.38 24.23 -15.48
N GLU A 70 20.89 25.22 -16.18
CA GLU A 70 22.28 25.24 -16.60
C GLU A 70 23.15 25.68 -15.44
N PRO A 71 24.40 25.22 -15.36
CA PRO A 71 25.15 24.30 -16.23
C PRO A 71 25.05 22.82 -15.86
N ALA A 72 24.29 22.49 -14.82
CA ALA A 72 24.25 21.13 -14.30
C ALA A 72 23.59 20.14 -15.26
N LYS A 73 22.71 20.60 -16.14
CA LYS A 73 21.95 19.69 -16.99
C LYS A 73 22.78 18.99 -18.04
N ASN A 74 24.05 19.39 -18.24
CA ASN A 74 24.95 18.74 -19.17
C ASN A 74 25.88 17.77 -18.47
N ARG A 75 25.43 17.18 -17.37
CA ARG A 75 26.23 16.27 -16.57
C ARG A 75 26.73 15.11 -17.44
N PRO A 76 28.04 14.96 -17.61
CA PRO A 76 28.53 13.81 -18.37
C PRO A 76 28.30 12.51 -17.63
N GLY A 77 28.46 11.42 -18.36
CA GLY A 77 28.51 10.10 -17.79
C GLY A 77 27.17 9.42 -17.76
N PRO A 78 27.17 8.15 -17.35
CA PRO A 78 25.91 7.42 -17.23
C PRO A 78 25.14 7.85 -16.00
N GLN A 79 23.82 7.90 -16.13
CA GLN A 79 22.97 8.32 -15.02
C GLN A 79 22.63 7.19 -14.07
N THR A 80 22.86 5.93 -14.45
CA THR A 80 22.53 4.82 -13.55
C THR A 80 23.25 3.56 -14.00
N ARG A 81 23.11 2.52 -13.17
CA ARG A 81 23.62 1.20 -13.49
C ARG A 81 22.87 0.63 -14.69
N SER A 82 23.62 0.13 -15.66
CA SER A 82 23.04 -0.29 -16.93
C SER A 82 22.28 -1.60 -16.77
N ASP A 83 21.21 -1.73 -17.55
CA ASP A 83 20.30 -2.86 -17.45
C ASP A 83 20.92 -4.19 -17.85
N LEU A 84 22.11 -4.18 -18.45
CA LEU A 84 22.74 -5.41 -18.90
C LEU A 84 23.19 -6.30 -17.76
N LEU A 85 23.24 -5.78 -16.53
CA LEU A 85 23.79 -6.52 -15.41
C LEU A 85 22.93 -7.71 -15.02
N LEU A 86 21.63 -7.63 -15.31
CA LEU A 86 20.70 -8.70 -14.99
C LEU A 86 19.96 -9.10 -16.26
N SER A 87 19.62 -10.38 -16.33
CA SER A 87 18.87 -10.86 -17.46
C SER A 87 17.44 -10.37 -17.39
N GLY A 88 16.81 -10.29 -18.56
CA GLY A 88 15.45 -9.78 -18.65
C GLY A 88 14.46 -10.57 -17.82
N ARG A 89 14.77 -11.83 -17.53
CA ARG A 89 13.91 -12.62 -16.65
C ARG A 89 14.07 -12.19 -15.20
N ASP A 90 15.26 -11.76 -14.81
CA ASP A 90 15.48 -11.33 -13.43
C ASP A 90 14.79 -10.01 -13.15
N TRP A 91 14.84 -9.07 -14.09
CA TRP A 91 14.18 -7.80 -13.91
C TRP A 91 12.67 -7.97 -13.79
N ASN A 92 12.08 -8.68 -14.74
CA ASN A 92 10.63 -8.81 -14.83
C ASN A 92 10.03 -9.64 -13.71
N THR A 93 10.84 -10.33 -12.90
CA THR A 93 10.31 -11.23 -11.88
C THR A 93 10.88 -10.99 -10.49
N LEU A 94 12.17 -10.68 -10.37
CA LEU A 94 12.84 -10.66 -9.09
C LEU A 94 13.08 -9.26 -8.52
N ILE A 95 12.62 -8.22 -9.21
CA ILE A 95 12.99 -6.85 -8.86
C ILE A 95 11.75 -5.99 -8.81
N VAL A 96 11.77 -4.99 -7.94
CA VAL A 96 10.77 -3.94 -7.90
C VAL A 96 11.49 -2.61 -7.76
N GLY A 97 10.97 -1.59 -8.41
CA GLY A 97 11.62 -0.30 -8.41
C GLY A 97 11.24 0.54 -7.21
N LYS A 98 12.04 1.59 -7.00
CA LYS A 98 11.77 2.60 -5.97
C LYS A 98 12.02 3.98 -6.51
N LEU A 99 11.09 4.89 -6.21
CA LEU A 99 11.24 6.28 -6.60
C LEU A 99 12.18 6.98 -5.63
N SER A 100 13.02 7.87 -6.16
CA SER A 100 14.10 8.42 -5.36
C SER A 100 13.54 9.39 -4.31
N PRO A 101 14.06 9.36 -3.07
CA PRO A 101 13.46 10.17 -2.02
C PRO A 101 13.60 11.66 -2.21
N TRP A 102 14.57 12.12 -2.99
CA TRP A 102 14.73 13.55 -3.22
C TRP A 102 13.63 14.13 -4.10
N ILE A 103 12.77 13.28 -4.65
CA ILE A 103 11.73 13.71 -5.56
C ILE A 103 10.53 14.18 -4.75
N ARG A 104 10.22 15.47 -4.84
CA ARG A 104 9.03 16.06 -4.22
C ARG A 104 8.26 16.76 -5.34
N PRO A 105 7.50 16.02 -6.16
CA PRO A 105 6.80 16.66 -7.27
C PRO A 105 5.67 17.57 -6.85
N ASP A 106 5.19 17.44 -5.61
CA ASP A 106 4.22 18.37 -5.04
C ASP A 106 4.87 19.40 -4.14
N SER A 107 6.15 19.68 -4.34
CA SER A 107 6.79 20.76 -3.62
C SER A 107 6.26 22.10 -4.13
N LYS A 108 6.29 23.08 -3.24
CA LYS A 108 5.72 24.39 -3.55
C LYS A 108 6.66 25.22 -4.42
N VAL A 109 7.93 24.85 -4.50
CA VAL A 109 8.93 25.65 -5.20
C VAL A 109 9.00 25.22 -6.65
N GLU A 110 8.83 26.18 -7.55
CA GLU A 110 8.71 25.90 -8.99
C GLU A 110 9.91 25.13 -9.52
N LYS A 111 11.12 25.53 -9.13
CA LYS A 111 12.31 24.87 -9.65
C LYS A 111 12.51 23.49 -9.05
N ILE A 112 12.10 23.28 -7.79
CA ILE A 112 12.21 21.96 -7.19
C ILE A 112 11.12 21.05 -7.73
N ARG A 113 10.01 21.61 -8.18
CA ARG A 113 8.93 20.81 -8.72
C ARG A 113 9.26 20.31 -10.12
N ARG A 114 9.66 21.21 -11.01
CA ARG A 114 9.80 20.86 -12.41
C ARG A 114 10.97 19.91 -12.65
N ASN A 115 12.06 20.07 -11.90
CA ASN A 115 13.11 19.06 -11.91
C ASN A 115 12.60 17.73 -11.39
N SER A 116 11.60 17.76 -10.53
CA SER A 116 11.10 16.56 -9.88
C SER A 116 10.04 15.85 -10.72
N GLU A 117 9.32 16.58 -11.56
CA GLU A 117 8.45 15.96 -12.54
C GLU A 117 9.26 15.14 -13.54
N ALA A 118 10.37 15.69 -14.01
CA ALA A 118 11.15 15.06 -15.06
C ALA A 118 11.90 13.84 -14.56
N ALA A 119 12.39 13.89 -13.34
CA ALA A 119 13.11 12.75 -12.78
C ALA A 119 12.19 11.55 -12.61
N MET A 120 10.93 11.80 -12.27
CA MET A 120 10.00 10.72 -12.06
C MET A 120 9.67 10.02 -13.37
N LEU A 121 9.46 10.79 -14.42
CA LEU A 121 9.29 10.19 -15.75
C LEU A 121 10.49 9.34 -16.12
N GLN A 122 11.69 9.81 -15.77
CA GLN A 122 12.91 9.12 -16.16
C GLN A 122 13.08 7.84 -15.38
N GLU A 123 12.71 7.84 -14.10
CA GLU A 123 12.83 6.65 -13.27
C GLU A 123 11.68 5.68 -13.52
N LEU A 124 10.57 6.17 -14.08
CA LEU A 124 9.46 5.29 -14.42
C LEU A 124 9.63 4.69 -15.80
N ASN A 125 10.17 5.47 -16.75
CA ASN A 125 10.35 4.95 -18.10
C ASN A 125 11.48 3.94 -18.15
N PHE A 126 12.52 4.15 -17.35
CA PHE A 126 13.49 3.09 -17.13
C PHE A 126 12.84 1.88 -16.50
N GLY A 127 11.81 2.11 -15.67
CA GLY A 127 11.05 1.00 -15.17
C GLY A 127 10.33 0.24 -16.27
N ALA A 128 9.94 0.96 -17.32
CA ALA A 128 9.32 0.32 -18.47
C ALA A 128 10.37 -0.39 -19.32
N TYR A 129 11.46 0.31 -19.62
CA TYR A 129 12.51 -0.23 -20.47
C TYR A 129 13.12 -1.48 -19.87
N LEU A 130 13.15 -1.57 -18.55
CA LEU A 130 13.66 -2.75 -17.88
C LEU A 130 12.68 -3.90 -17.91
N GLY A 131 11.39 -3.60 -17.91
CA GLY A 131 10.37 -4.61 -17.81
C GLY A 131 9.99 -4.97 -16.39
N LEU A 132 10.21 -4.06 -15.44
CA LEU A 132 9.95 -4.35 -14.05
C LEU A 132 8.49 -4.71 -13.82
N PRO A 133 8.19 -5.64 -12.92
CA PRO A 133 6.79 -5.97 -12.65
C PRO A 133 6.07 -4.90 -11.88
N ALA A 134 6.78 -4.11 -11.08
CA ALA A 134 6.12 -3.14 -10.23
C ALA A 134 7.09 -2.04 -9.84
N PHE A 135 6.53 -0.96 -9.32
CA PHE A 135 7.29 0.21 -8.93
C PHE A 135 6.67 0.79 -7.66
N LEU A 136 7.52 1.25 -6.75
CA LEU A 136 7.09 1.81 -5.47
C LEU A 136 7.18 3.32 -5.52
N LEU A 137 6.08 3.98 -5.18
CA LEU A 137 5.98 5.43 -5.20
C LEU A 137 5.54 5.92 -3.83
N PRO A 138 6.33 6.70 -3.10
CA PRO A 138 5.88 7.19 -1.80
C PRO A 138 4.69 8.13 -1.88
N LEU A 139 3.67 7.84 -1.07
CA LEU A 139 2.64 8.78 -0.68
C LEU A 139 2.77 9.05 0.81
N ASN A 140 3.23 10.24 1.17
CA ASN A 140 3.26 10.65 2.56
C ASN A 140 2.76 12.08 2.77
N GLN A 141 2.67 12.87 1.71
CA GLN A 141 2.20 14.23 1.83
C GLN A 141 0.67 14.27 1.77
N GLU A 142 0.12 15.41 2.19
CA GLU A 142 -1.32 15.61 2.15
C GLU A 142 -1.80 15.80 0.71
N ASP A 143 -1.07 16.58 -0.09
CA ASP A 143 -1.47 16.93 -1.44
C ASP A 143 -0.56 16.17 -2.40
N ASN A 144 -1.16 15.35 -3.26
CA ASN A 144 -0.45 14.55 -4.24
C ASN A 144 -1.09 14.72 -5.61
N THR A 145 -1.52 15.94 -5.92
CA THR A 145 -2.21 16.17 -7.19
C THR A 145 -1.25 16.11 -8.37
N ASN A 146 -0.07 16.68 -8.22
CA ASN A 146 0.92 16.67 -9.30
C ASN A 146 1.48 15.28 -9.54
N LEU A 147 1.79 14.55 -8.47
CA LEU A 147 2.37 13.22 -8.59
C LEU A 147 1.49 12.30 -9.40
N ALA A 148 0.18 12.49 -9.35
CA ALA A 148 -0.71 11.63 -10.11
C ALA A 148 -0.68 11.99 -11.58
N ARG A 149 -0.55 13.28 -11.89
CA ARG A 149 -0.50 13.72 -13.28
C ARG A 149 0.71 13.13 -13.98
N VAL A 150 1.85 13.16 -13.31
CA VAL A 150 3.06 12.56 -13.86
C VAL A 150 2.87 11.07 -14.06
N LEU A 151 2.01 10.45 -13.27
CA LEU A 151 1.73 9.03 -13.37
C LEU A 151 0.56 8.74 -14.29
N THR A 152 -0.36 9.70 -14.42
CA THR A 152 -1.42 9.59 -15.42
C THR A 152 -0.88 9.76 -16.83
N ASN A 153 0.17 10.54 -17.01
CA ASN A 153 0.79 10.68 -18.31
C ASN A 153 1.67 9.51 -18.70
N HIS A 154 2.11 8.71 -17.75
CA HIS A 154 2.96 7.56 -18.02
C HIS A 154 2.20 6.30 -18.29
N ILE A 155 1.03 6.14 -17.68
CA ILE A 155 0.14 5.02 -18.00
C ILE A 155 -0.27 5.07 -19.46
N HIS A 156 -0.69 6.25 -19.93
CA HIS A 156 -1.09 6.45 -21.32
C HIS A 156 0.14 6.67 -22.20
N THR A 157 0.99 5.64 -22.25
CA THR A 157 2.20 5.67 -23.07
C THR A 157 2.50 4.31 -23.71
N GLY A 158 1.64 3.31 -23.50
CA GLY A 158 1.94 1.96 -23.97
C GLY A 158 3.07 1.31 -23.21
N HIS A 159 2.87 1.12 -21.90
CA HIS A 159 3.88 0.57 -21.00
C HIS A 159 3.28 -0.48 -20.07
N HIS A 160 2.28 -1.22 -20.53
CA HIS A 160 1.38 -2.00 -19.67
C HIS A 160 2.07 -3.09 -18.86
N SER A 161 3.37 -3.34 -19.03
CA SER A 161 4.03 -4.44 -18.34
C SER A 161 4.47 -4.08 -16.92
N SER A 162 3.90 -3.03 -16.33
CA SER A 162 4.40 -2.47 -15.08
C SER A 162 3.23 -2.13 -14.18
N MET A 163 3.51 -2.12 -12.88
CA MET A 163 2.53 -1.85 -11.85
C MET A 163 3.08 -0.77 -10.92
N PHE A 164 2.18 -0.07 -10.25
CA PHE A 164 2.54 1.00 -9.34
C PHE A 164 2.01 0.67 -7.94
N TRP A 165 2.94 0.58 -6.99
CA TRP A 165 2.66 0.26 -5.60
C TRP A 165 2.85 1.53 -4.79
N MET A 166 1.79 2.29 -4.59
CA MET A 166 1.91 3.50 -3.82
C MET A 166 2.14 3.15 -2.36
N ARG A 167 3.20 3.72 -1.80
CA ARG A 167 3.64 3.39 -0.45
C ARG A 167 2.99 4.36 0.51
N VAL A 168 1.97 3.88 1.23
CA VAL A 168 1.18 4.71 2.12
C VAL A 168 1.11 3.97 3.46
N PRO A 169 1.29 4.62 4.61
CA PRO A 169 1.27 3.89 5.88
C PRO A 169 -0.09 3.85 6.54
N LEU A 170 -0.26 2.89 7.44
CA LEU A 170 -1.47 2.82 8.23
C LEU A 170 -1.59 4.00 9.18
N VAL A 171 -0.46 4.49 9.69
CA VAL A 171 -0.42 5.62 10.61
C VAL A 171 0.63 6.59 10.12
N ALA A 172 0.26 7.86 10.06
CA ALA A 172 1.09 8.86 9.44
C ALA A 172 2.38 9.06 10.24
N PRO A 173 3.44 9.58 9.61
CA PRO A 173 4.65 9.88 10.38
C PRO A 173 4.44 10.96 11.41
N GLU A 174 3.45 11.82 11.23
CA GLU A 174 3.16 12.90 12.16
C GLU A 174 2.39 12.43 13.39
N ASP A 175 2.15 11.14 13.54
CA ASP A 175 1.41 10.60 14.67
C ASP A 175 2.20 9.48 15.35
N LEU A 176 3.01 8.76 14.59
CA LEU A 176 3.86 7.71 15.14
C LEU A 176 5.10 8.26 15.82
N ARG A 177 5.41 9.54 15.62
CA ARG A 177 6.61 10.14 16.19
C ARG A 177 6.54 10.17 17.71
N ASP A 178 7.65 10.53 18.32
CA ASP A 178 7.73 10.78 19.74
C ASP A 178 7.33 12.22 20.05
N ASP A 179 6.70 12.40 21.21
CA ASP A 179 6.20 13.70 21.67
C ASP A 179 7.21 14.46 22.53
N ILE A 180 8.50 14.42 22.17
CA ILE A 180 9.57 14.88 23.05
C ILE A 180 10.00 16.29 22.69
N ILE A 181 9.10 17.05 22.10
CA ILE A 181 9.37 18.39 21.61
C ILE A 181 8.66 19.35 22.54
N GLU A 182 9.19 20.58 22.63
CA GLU A 182 8.60 21.59 23.51
C GLU A 182 7.43 22.30 22.84
N ASN A 183 6.46 21.50 22.36
CA ASN A 183 5.18 21.98 21.89
C ASN A 183 4.22 20.81 21.92
N ALA A 184 2.93 21.12 21.99
CA ALA A 184 1.94 20.06 22.11
C ALA A 184 1.90 19.21 20.84
N PRO A 185 1.66 17.89 20.95
CA PRO A 185 1.62 17.07 19.73
C PRO A 185 0.37 17.29 18.90
N SER A 193 -10.50 12.27 11.65
CA SER A 193 -9.34 13.08 11.29
C SER A 193 -8.19 12.82 12.25
N GLY A 194 -7.01 12.55 11.70
CA GLY A 194 -5.84 12.19 12.46
C GLY A 194 -5.58 10.72 12.57
N GLU A 195 -6.53 9.87 12.15
CA GLU A 195 -6.36 8.42 12.10
C GLU A 195 -6.75 7.88 10.73
N GLU A 196 -7.75 8.52 10.10
CA GLU A 196 -8.26 8.08 8.81
C GLU A 196 -7.56 8.75 7.64
N LYS A 197 -6.80 9.82 7.88
CA LYS A 197 -6.29 10.62 6.79
C LYS A 197 -5.16 9.93 6.04
N THR A 198 -4.68 8.79 6.53
CA THR A 198 -3.76 7.99 5.73
C THR A 198 -4.46 7.40 4.53
N TRP A 199 -5.77 7.18 4.63
CA TRP A 199 -6.55 6.67 3.51
C TRP A 199 -6.91 7.79 2.54
N MET A 200 -7.30 8.94 3.07
CA MET A 200 -7.75 10.02 2.21
C MET A 200 -6.62 10.56 1.36
N TRP A 201 -5.37 10.34 1.77
CA TRP A 201 -4.26 10.55 0.85
C TRP A 201 -4.41 9.66 -0.36
N TRP A 202 -4.81 8.41 -0.13
CA TRP A 202 -4.82 7.42 -1.19
C TRP A 202 -6.03 7.58 -2.09
N HIS A 203 -7.22 7.66 -1.50
CA HIS A 203 -8.43 7.82 -2.29
C HIS A 203 -8.39 9.07 -3.14
N ASN A 204 -7.74 10.12 -2.67
CA ASN A 204 -7.53 11.28 -3.51
C ASN A 204 -6.43 11.08 -4.54
N PHE A 205 -5.70 9.97 -4.49
CA PHE A 205 -4.73 9.67 -5.52
C PHE A 205 -5.37 8.89 -6.66
N ARG A 206 -5.98 7.76 -6.35
CA ARG A 206 -6.58 6.92 -7.37
C ARG A 206 -7.72 7.63 -8.08
N THR A 207 -8.49 8.44 -7.35
CA THR A 207 -9.53 9.25 -7.96
C THR A 207 -8.96 10.21 -8.98
N LEU A 208 -7.76 10.70 -8.75
CA LEU A 208 -7.07 11.51 -9.73
C LEU A 208 -6.52 10.67 -10.87
N CYS A 209 -6.16 9.42 -10.60
CA CYS A 209 -5.73 8.48 -11.61
C CYS A 209 -6.87 7.61 -12.13
N ASP A 210 -8.11 8.07 -11.99
CA ASP A 210 -9.29 7.42 -12.59
C ASP A 210 -9.44 5.97 -12.16
N TYR A 211 -9.07 5.66 -10.92
CA TYR A 211 -9.26 4.34 -10.34
C TYR A 211 -8.54 3.26 -11.13
N SER A 212 -7.40 3.63 -11.72
CA SER A 212 -6.66 2.72 -12.61
C SER A 212 -6.37 1.39 -11.94
N LYS A 213 -6.51 0.33 -12.73
CA LYS A 213 -6.13 -1.00 -12.30
C LYS A 213 -4.62 -1.15 -12.11
N ARG A 214 -3.83 -0.24 -12.66
CA ARG A 214 -2.38 -0.32 -12.57
C ARG A 214 -1.81 0.35 -11.34
N ILE A 215 -2.65 0.81 -10.41
CA ILE A 215 -2.20 1.45 -9.17
C ILE A 215 -2.68 0.61 -8.02
N ALA A 216 -1.74 0.22 -7.16
CA ALA A 216 -1.99 -0.60 -5.99
C ALA A 216 -1.28 0.04 -4.81
N VAL A 217 -1.57 -0.49 -3.63
CA VAL A 217 -1.05 0.04 -2.37
C VAL A 217 -0.07 -0.95 -1.77
N ALA A 218 1.10 -0.44 -1.40
CA ALA A 218 2.00 -1.12 -0.49
C ALA A 218 1.82 -0.49 0.87
N LEU A 219 1.26 -1.25 1.81
CA LEU A 219 0.78 -0.71 3.07
C LEU A 219 1.90 -0.82 4.09
N GLU A 220 2.43 0.31 4.53
CA GLU A 220 3.55 0.34 5.44
C GLU A 220 3.02 0.24 6.87
N ILE A 221 3.29 -0.89 7.51
CA ILE A 221 2.85 -1.11 8.88
C ILE A 221 3.85 -0.43 9.82
N GLY A 222 3.44 -0.20 11.05
CA GLY A 222 4.33 0.27 12.10
C GLY A 222 3.84 -0.26 13.43
N ALA A 223 4.62 0.02 14.48
CA ALA A 223 4.37 -0.61 15.76
C ALA A 223 3.05 -0.19 16.38
N ASP A 224 2.53 0.98 16.00
CA ASP A 224 1.24 1.46 16.47
C ASP A 224 0.22 1.26 15.36
N LEU A 225 -0.87 0.57 15.69
CA LEU A 225 -1.90 0.21 14.73
C LEU A 225 -3.19 0.95 15.02
N PRO A 226 -3.99 1.25 13.99
CA PRO A 226 -5.28 1.89 14.24
C PRO A 226 -6.28 0.87 14.77
N SER A 227 -7.48 1.35 15.02
CA SER A 227 -8.55 0.46 15.42
C SER A 227 -8.88 -0.49 14.27
N ASN A 228 -9.47 -1.63 14.64
CA ASN A 228 -9.86 -2.62 13.64
C ASN A 228 -10.96 -2.11 12.72
N HIS A 229 -11.70 -1.08 13.12
CA HIS A 229 -12.73 -0.53 12.26
C HIS A 229 -12.16 0.13 11.01
N VAL A 230 -10.90 0.56 11.07
CA VAL A 230 -10.20 1.13 9.93
C VAL A 230 -9.57 0.06 9.06
N ILE A 231 -8.86 -0.87 9.70
CA ILE A 231 -8.27 -2.01 9.01
C ILE A 231 -9.29 -2.70 8.11
N ASP A 232 -10.50 -2.93 8.64
CA ASP A 232 -11.56 -3.55 7.85
C ASP A 232 -11.87 -2.74 6.59
N ARG A 233 -11.59 -1.44 6.61
CA ARG A 233 -11.73 -0.61 5.43
C ARG A 233 -10.53 -0.74 4.51
N TRP A 234 -9.32 -0.72 5.07
CA TRP A 234 -8.11 -0.75 4.26
C TRP A 234 -8.04 -2.00 3.41
N LEU A 235 -8.47 -3.13 3.97
CA LEU A 235 -8.51 -4.37 3.23
C LEU A 235 -9.54 -4.35 2.11
N GLY A 236 -10.39 -3.33 2.04
CA GLY A 236 -11.20 -3.08 0.86
C GLY A 236 -10.43 -2.46 -0.28
N GLU A 237 -9.24 -1.95 -0.03
CA GLU A 237 -8.39 -1.40 -1.05
C GLU A 237 -7.67 -2.50 -1.81
N PRO A 238 -7.04 -2.18 -2.94
CA PRO A 238 -6.14 -3.16 -3.54
C PRO A 238 -4.78 -3.19 -2.84
N ILE A 239 -4.79 -3.66 -1.61
CA ILE A 239 -3.53 -3.94 -0.93
C ILE A 239 -2.88 -5.09 -1.69
N LYS A 240 -1.75 -4.79 -2.34
CA LYS A 240 -1.01 -5.76 -3.10
C LYS A 240 0.33 -6.11 -2.48
N ALA A 241 0.86 -5.23 -1.65
CA ALA A 241 2.02 -5.54 -0.82
C ALA A 241 1.81 -4.98 0.57
N ALA A 242 2.52 -5.57 1.52
CA ALA A 242 2.57 -5.09 2.90
C ALA A 242 4.02 -4.91 3.27
N ILE A 243 4.38 -3.70 3.68
CA ILE A 243 5.75 -3.39 4.06
C ILE A 243 5.85 -3.47 5.57
N LEU A 244 6.68 -4.38 6.05
CA LEU A 244 6.84 -4.65 7.47
C LEU A 244 8.21 -4.17 7.92
N PRO A 245 8.32 -3.06 8.65
CA PRO A 245 9.61 -2.72 9.23
C PRO A 245 10.03 -3.76 10.25
N THR A 246 11.32 -3.98 10.36
CA THR A 246 11.83 -4.86 11.40
C THR A 246 11.69 -4.25 12.79
N SER A 247 11.43 -2.96 12.89
CA SER A 247 11.33 -2.31 14.18
C SER A 247 10.01 -2.56 14.91
N ILE A 248 9.03 -3.24 14.30
CA ILE A 248 7.84 -3.64 15.04
C ILE A 248 8.06 -4.97 15.74
N PHE A 249 8.96 -5.80 15.24
CA PHE A 249 9.15 -7.12 15.79
C PHE A 249 9.75 -7.03 17.19
N LEU A 250 9.13 -7.72 18.13
CA LEU A 250 9.64 -7.81 19.49
C LEU A 250 10.78 -8.82 19.50
N THR A 251 11.16 -9.27 20.69
CA THR A 251 12.08 -10.39 20.85
C THR A 251 11.46 -11.35 21.86
N ASN A 252 11.21 -12.58 21.43
CA ASN A 252 10.72 -13.60 22.33
C ASN A 252 11.83 -14.04 23.28
N LYS A 253 11.44 -14.86 24.27
CA LYS A 253 12.41 -15.35 25.26
C LYS A 253 13.51 -16.17 24.62
N LYS A 254 13.29 -16.73 23.43
CA LYS A 254 14.32 -17.49 22.73
C LYS A 254 15.27 -16.59 21.94
N GLY A 255 15.02 -15.29 21.89
CA GLY A 255 15.87 -14.37 21.18
C GLY A 255 15.47 -14.13 19.74
N PHE A 256 14.34 -14.67 19.29
CA PHE A 256 13.90 -14.60 17.91
C PHE A 256 12.78 -13.58 17.75
N PRO A 257 12.69 -12.91 16.61
CA PRO A 257 11.72 -11.82 16.47
C PRO A 257 10.31 -12.37 16.34
N VAL A 258 9.37 -11.73 17.02
CA VAL A 258 7.95 -12.05 16.88
C VAL A 258 7.14 -10.77 16.89
N LEU A 259 5.90 -10.91 16.43
CA LEU A 259 4.91 -9.85 16.42
C LEU A 259 3.91 -10.06 17.54
N SER A 260 3.52 -8.97 18.18
CA SER A 260 2.48 -9.06 19.18
C SER A 260 1.14 -9.33 18.50
N LYS A 261 0.19 -9.82 19.30
CA LYS A 261 -1.00 -10.46 18.74
C LYS A 261 -1.84 -9.49 17.94
N MET A 262 -1.84 -8.20 18.29
CA MET A 262 -2.62 -7.25 17.51
C MET A 262 -2.08 -7.09 16.10
N HIS A 263 -0.83 -7.45 15.86
CA HIS A 263 -0.31 -7.50 14.50
C HIS A 263 -0.65 -8.81 13.82
N GLN A 264 -0.47 -9.93 14.53
CA GLN A 264 -0.60 -11.25 13.91
C GLN A 264 -2.00 -11.47 13.37
N ARG A 265 -3.01 -10.85 13.98
CA ARG A 265 -4.36 -10.91 13.43
C ARG A 265 -4.40 -10.22 12.08
N LEU A 266 -3.83 -9.01 12.00
CA LEU A 266 -3.84 -8.24 10.76
C LEU A 266 -3.13 -9.00 9.63
N ILE A 267 -1.98 -9.58 9.94
CA ILE A 267 -1.26 -10.37 8.95
C ILE A 267 -2.05 -11.61 8.54
N PHE A 268 -2.83 -12.20 9.45
CA PHE A 268 -3.67 -13.31 9.05
C PHE A 268 -4.73 -12.88 8.04
N ARG A 269 -5.22 -11.65 8.15
CA ARG A 269 -6.13 -11.14 7.12
C ARG A 269 -5.39 -10.83 5.83
N LEU A 270 -4.20 -10.25 5.93
CA LEU A 270 -3.44 -9.91 4.73
C LEU A 270 -3.07 -11.15 3.95
N LEU A 271 -2.75 -12.23 4.64
CA LEU A 271 -2.43 -13.48 3.94
C LEU A 271 -3.63 -13.98 3.16
N LYS A 272 -4.84 -13.78 3.70
CA LYS A 272 -6.03 -14.19 2.99
C LYS A 272 -6.23 -13.36 1.72
N LEU A 273 -5.81 -12.09 1.74
CA LEU A 273 -5.80 -11.27 0.55
C LEU A 273 -4.58 -11.54 -0.34
N GLU A 274 -3.68 -12.43 0.05
CA GLU A 274 -2.59 -12.91 -0.79
C GLU A 274 -1.54 -11.85 -1.09
N VAL A 275 -1.35 -10.87 -0.21
CA VAL A 275 -0.37 -9.82 -0.46
C VAL A 275 1.04 -10.36 -0.32
N GLN A 276 2.00 -9.57 -0.81
CA GLN A 276 3.42 -9.87 -0.74
C GLN A 276 4.03 -9.03 0.37
N PHE A 277 4.80 -9.68 1.25
CA PHE A 277 5.24 -9.06 2.49
C PHE A 277 6.69 -8.62 2.36
N ILE A 278 6.92 -7.35 2.60
CA ILE A 278 8.20 -6.72 2.32
C ILE A 278 8.85 -6.36 3.64
N ILE A 279 10.09 -6.82 3.81
CA ILE A 279 10.82 -6.68 5.07
C ILE A 279 11.73 -5.47 4.92
N THR A 280 11.21 -4.31 5.31
CA THR A 280 11.98 -3.08 5.26
C THR A 280 12.83 -2.95 6.52
N GLY A 281 13.97 -2.30 6.35
CA GLY A 281 14.84 -1.96 7.45
C GLY A 281 16.12 -2.75 7.49
N THR A 282 16.60 -3.04 8.70
CA THR A 282 17.89 -3.66 8.89
C THR A 282 17.82 -4.52 10.14
N ASN A 283 18.89 -5.27 10.39
CA ASN A 283 18.90 -6.23 11.48
C ASN A 283 19.12 -5.51 12.79
N HIS A 284 18.06 -5.35 13.58
CA HIS A 284 18.19 -4.94 14.96
C HIS A 284 18.57 -6.12 15.85
N HIS A 285 18.13 -7.32 15.48
CA HIS A 285 18.48 -8.56 16.15
C HIS A 285 19.83 -9.05 15.61
N SER A 286 20.86 -8.23 15.74
CA SER A 286 22.09 -8.34 14.95
C SER A 286 22.74 -9.71 15.00
N GLU A 287 22.49 -10.53 16.03
CA GLU A 287 23.10 -11.85 16.10
C GLU A 287 22.38 -12.87 15.23
N LYS A 288 21.11 -12.63 14.91
CA LYS A 288 20.24 -13.67 14.35
C LYS A 288 20.34 -13.85 12.85
N GLU A 289 21.23 -13.15 12.14
CA GLU A 289 21.33 -13.32 10.69
C GLU A 289 20.03 -12.98 9.97
N PHE A 290 19.79 -11.68 9.73
CA PHE A 290 18.53 -11.05 9.28
C PHE A 290 17.44 -11.96 8.69
N CYS A 291 17.73 -13.13 8.13
CA CYS A 291 16.66 -13.97 7.61
C CYS A 291 15.65 -14.43 8.66
N SER A 292 15.93 -14.22 9.96
CA SER A 292 14.99 -14.67 10.99
C SER A 292 13.64 -13.97 10.89
N TYR A 293 13.65 -12.70 10.48
CA TYR A 293 12.39 -11.98 10.34
C TYR A 293 11.49 -12.64 9.32
N LEU A 294 12.07 -13.15 8.24
CA LEU A 294 11.28 -13.87 7.24
C LEU A 294 10.80 -15.20 7.76
N GLN A 295 11.55 -15.83 8.67
CA GLN A 295 11.18 -17.15 9.16
C GLN A 295 9.85 -17.12 9.88
N TYR A 296 9.55 -16.01 10.56
CA TYR A 296 8.32 -15.95 11.35
C TYR A 296 7.10 -15.77 10.46
N LEU A 297 7.25 -15.16 9.30
CA LEU A 297 6.14 -15.12 8.36
C LEU A 297 5.85 -16.52 7.83
N GLU A 298 6.89 -17.30 7.56
CA GLU A 298 6.75 -18.70 7.19
C GLU A 298 6.31 -19.59 8.35
N TYR A 299 6.16 -19.04 9.55
CA TYR A 299 5.54 -19.70 10.69
C TYR A 299 4.07 -19.34 10.81
N LEU A 300 3.76 -18.04 10.76
CA LEU A 300 2.38 -17.60 10.88
C LEU A 300 1.52 -18.08 9.72
N SER A 301 2.11 -18.19 8.53
CA SER A 301 1.36 -18.62 7.36
C SER A 301 0.88 -20.07 7.44
N GLN A 302 1.35 -20.84 8.42
CA GLN A 302 0.95 -22.23 8.61
C GLN A 302 -0.03 -22.42 9.76
N ASN A 303 0.14 -21.69 10.85
CA ASN A 303 -0.50 -22.03 12.12
C ASN A 303 -1.91 -21.46 12.26
N ARG A 304 -2.39 -20.69 11.30
CA ARG A 304 -3.73 -20.13 11.40
C ARG A 304 -4.82 -21.21 11.31
N ASN A 308 -11.28 -21.81 4.71
CA ASN A 308 -12.33 -22.82 4.84
C ASN A 308 -12.89 -23.19 3.48
N ALA A 309 -13.77 -24.21 3.47
CA ALA A 309 -14.19 -24.84 2.21
C ALA A 309 -14.88 -23.87 1.28
N TYR A 310 -15.49 -22.80 1.79
CA TYR A 310 -16.09 -21.81 0.89
C TYR A 310 -15.00 -21.07 0.14
N GLU A 311 -13.87 -20.81 0.80
CA GLU A 311 -12.72 -20.20 0.14
C GLU A 311 -11.96 -21.22 -0.70
N LEU A 312 -11.97 -22.49 -0.28
CA LEU A 312 -11.27 -23.53 -1.05
C LEU A 312 -12.00 -23.81 -2.36
N PHE A 313 -13.30 -24.10 -2.28
CA PHE A 313 -14.10 -24.30 -3.48
C PHE A 313 -14.05 -23.08 -4.38
N ALA A 314 -14.32 -21.90 -3.81
CA ALA A 314 -14.26 -20.67 -4.59
C ALA A 314 -12.82 -20.38 -5.02
N LYS A 315 -12.70 -19.68 -6.13
CA LYS A 315 -11.41 -19.32 -6.70
C LYS A 315 -11.64 -18.43 -7.90
N GLY A 316 -10.57 -17.79 -8.37
CA GLY A 316 -10.65 -16.93 -9.52
C GLY A 316 -11.38 -15.64 -9.23
N LEU A 321 -16.25 -11.71 -11.51
CA LEU A 321 -17.60 -11.21 -11.77
C LEU A 321 -18.21 -11.87 -13.00
N GLN A 322 -19.42 -12.37 -12.84
CA GLN A 322 -20.20 -12.90 -13.94
C GLN A 322 -21.61 -12.36 -13.84
N SER A 323 -22.13 -11.89 -14.96
CA SER A 323 -23.51 -11.44 -14.99
C SER A 323 -24.45 -12.63 -14.92
N PRO A 324 -25.41 -12.67 -13.98
CA PRO A 324 -26.44 -13.71 -14.04
C PRO A 324 -27.18 -13.78 -15.37
N LYS A 342 -23.23 -30.32 -7.42
CA LYS A 342 -22.54 -31.14 -6.43
C LYS A 342 -22.54 -30.45 -5.07
N ASP A 343 -23.73 -30.08 -4.59
CA ASP A 343 -23.93 -29.42 -3.30
C ASP A 343 -24.92 -30.26 -2.49
N PRO A 344 -24.48 -31.39 -1.93
CA PRO A 344 -25.43 -32.28 -1.25
C PRO A 344 -26.01 -31.68 0.01
N ILE A 345 -25.30 -30.74 0.65
CA ILE A 345 -25.86 -30.07 1.82
C ILE A 345 -27.07 -29.25 1.41
N LYS A 346 -27.06 -28.72 0.19
CA LYS A 346 -28.18 -27.89 -0.27
C LYS A 346 -29.39 -28.74 -0.63
N TYR A 347 -29.17 -29.97 -1.08
CA TYR A 347 -30.24 -30.85 -1.51
C TYR A 347 -30.78 -31.67 -0.33
N SER A 348 -29.90 -32.06 0.59
CA SER A 348 -30.34 -32.71 1.81
C SER A 348 -31.35 -31.86 2.55
N GLN A 349 -31.09 -30.56 2.65
CA GLN A 349 -32.01 -29.69 3.38
C GLN A 349 -33.34 -29.58 2.65
N TYR A 350 -33.35 -29.80 1.34
CA TYR A 350 -34.61 -30.04 0.64
C TYR A 350 -35.20 -31.38 1.04
N GLN A 351 -34.36 -32.40 1.18
CA GLN A 351 -34.84 -33.74 1.51
C GLN A 351 -35.44 -33.76 2.91
N GLN A 352 -34.69 -33.25 3.89
CA GLN A 352 -35.19 -33.18 5.26
C GLN A 352 -36.48 -32.37 5.33
N ALA A 353 -36.61 -31.36 4.48
CA ALA A 353 -37.83 -30.58 4.44
C ALA A 353 -39.00 -31.38 3.91
N ILE A 354 -38.77 -32.16 2.86
CA ILE A 354 -39.84 -32.98 2.31
C ILE A 354 -40.24 -34.05 3.33
N TYR A 355 -39.24 -34.62 3.99
CA TYR A 355 -39.48 -35.54 5.10
C TYR A 355 -40.30 -34.88 6.19
N LYS A 356 -39.96 -33.64 6.53
CA LYS A 356 -40.68 -32.95 7.58
C LYS A 356 -42.07 -32.54 7.12
N CYS A 357 -42.31 -32.47 5.81
CA CYS A 357 -43.64 -32.19 5.31
C CYS A 357 -44.50 -33.45 5.29
N LEU A 358 -43.98 -34.53 4.69
CA LEU A 358 -44.79 -35.71 4.45
C LEU A 358 -45.32 -36.30 5.76
N LEU A 359 -44.52 -36.27 6.82
CA LEU A 359 -45.02 -36.67 8.12
C LEU A 359 -46.08 -35.71 8.64
N ASP A 360 -45.96 -34.43 8.29
CA ASP A 360 -46.95 -33.44 8.70
C ASP A 360 -48.18 -33.46 7.82
N ARG A 361 -48.06 -33.91 6.57
CA ARG A 361 -49.20 -34.00 5.68
C ARG A 361 -50.00 -35.27 5.92
N VAL A 362 -49.31 -36.36 6.22
CA VAL A 362 -49.88 -37.72 6.19
C VAL A 362 -49.92 -38.24 7.62
N PRO A 363 -51.09 -38.52 8.20
CA PRO A 363 -51.12 -39.25 9.47
C PRO A 363 -50.53 -40.64 9.36
N GLU A 364 -50.19 -41.20 10.51
CA GLU A 364 -49.40 -42.44 10.53
C GLU A 364 -50.18 -43.64 10.00
N GLU A 365 -51.49 -43.63 10.14
CA GLU A 365 -52.31 -44.75 9.69
C GLU A 365 -52.75 -44.61 8.24
N GLU A 366 -52.52 -43.46 7.60
CA GLU A 366 -52.79 -43.27 6.19
C GLU A 366 -51.55 -43.47 5.32
N LYS A 367 -50.45 -43.95 5.91
CA LYS A 367 -49.18 -44.06 5.19
C LYS A 367 -49.31 -44.90 3.92
N ASP A 368 -50.10 -45.95 3.97
CA ASP A 368 -50.23 -46.87 2.84
C ASP A 368 -51.29 -46.43 1.84
N THR A 369 -52.21 -45.56 2.23
CA THR A 369 -53.35 -45.18 1.42
C THR A 369 -53.34 -43.72 0.99
N ASN A 370 -52.43 -42.91 1.50
CA ASN A 370 -52.37 -41.48 1.16
C ASN A 370 -51.39 -41.29 0.02
N VAL A 371 -51.93 -41.06 -1.18
CA VAL A 371 -51.13 -40.75 -2.35
C VAL A 371 -50.76 -39.27 -2.34
N GLN A 372 -49.53 -38.98 -1.96
CA GLN A 372 -49.05 -37.60 -1.85
C GLN A 372 -48.49 -37.13 -3.19
N VAL A 373 -49.10 -36.10 -3.75
CA VAL A 373 -48.79 -35.64 -5.10
C VAL A 373 -47.77 -34.52 -5.00
N LEU A 374 -46.57 -34.76 -5.53
CA LEU A 374 -45.51 -33.78 -5.60
C LEU A 374 -45.27 -33.35 -7.04
N MET A 375 -45.02 -32.07 -7.24
CA MET A 375 -44.62 -31.52 -8.54
C MET A 375 -43.28 -30.82 -8.40
N VAL A 376 -42.25 -31.40 -8.98
CA VAL A 376 -40.89 -30.88 -8.88
C VAL A 376 -40.68 -29.93 -10.05
N LEU A 377 -41.15 -28.70 -9.89
CA LEU A 377 -40.97 -27.69 -10.90
C LEU A 377 -39.49 -27.34 -11.01
N GLY A 378 -38.98 -27.30 -12.23
CA GLY A 378 -37.58 -27.03 -12.43
C GLY A 378 -36.74 -28.18 -11.95
N ALA A 379 -37.12 -29.39 -12.34
CA ALA A 379 -36.35 -30.55 -11.95
C ALA A 379 -34.96 -30.56 -12.55
N GLY A 380 -34.79 -30.01 -13.74
CA GLY A 380 -33.48 -30.02 -14.36
C GLY A 380 -33.02 -31.44 -14.61
N ARG A 381 -31.82 -31.74 -14.13
CA ARG A 381 -31.25 -33.06 -14.29
C ARG A 381 -31.75 -34.04 -13.23
N GLY A 382 -32.73 -33.65 -12.42
CA GLY A 382 -33.40 -34.57 -11.51
C GLY A 382 -32.76 -34.88 -10.17
N PRO A 383 -31.95 -34.00 -9.57
CA PRO A 383 -31.47 -34.30 -8.22
C PRO A 383 -32.54 -34.11 -7.18
N LEU A 384 -33.42 -33.12 -7.37
CA LEU A 384 -34.55 -32.91 -6.48
C LEU A 384 -35.55 -34.03 -6.53
N VAL A 385 -35.55 -34.83 -7.60
CA VAL A 385 -36.47 -35.96 -7.67
C VAL A 385 -35.90 -37.14 -6.93
N ASN A 386 -34.58 -37.30 -6.96
CA ASN A 386 -33.95 -38.29 -6.09
C ASN A 386 -34.20 -37.94 -4.63
N ALA A 387 -34.16 -36.65 -4.30
CA ALA A 387 -34.45 -36.24 -2.93
C ALA A 387 -35.93 -36.45 -2.60
N SER A 388 -36.82 -36.04 -3.48
CA SER A 388 -38.25 -36.23 -3.26
C SER A 388 -38.60 -37.70 -3.12
N LEU A 389 -37.82 -38.58 -3.73
CA LEU A 389 -38.01 -40.01 -3.58
C LEU A 389 -37.35 -40.53 -2.31
N ARG A 390 -36.14 -40.06 -2.01
CA ARG A 390 -35.43 -40.53 -0.83
C ARG A 390 -36.15 -40.14 0.45
N ALA A 391 -36.81 -38.99 0.44
CA ALA A 391 -37.59 -38.60 1.61
C ALA A 391 -38.73 -39.56 1.87
N ALA A 392 -39.38 -40.03 0.80
CA ALA A 392 -40.46 -41.00 0.96
C ALA A 392 -39.93 -42.29 1.59
N LYS A 393 -38.77 -42.75 1.13
CA LYS A 393 -38.15 -43.92 1.77
C LYS A 393 -37.81 -43.59 3.22
N GLN A 394 -37.22 -42.42 3.45
CA GLN A 394 -36.88 -41.97 4.79
C GLN A 394 -38.13 -41.76 5.64
N ALA A 395 -39.22 -41.32 5.03
CA ALA A 395 -40.50 -41.15 5.70
C ALA A 395 -41.37 -42.39 5.62
N ASP A 396 -41.09 -43.32 4.70
CA ASP A 396 -41.91 -44.51 4.50
C ASP A 396 -43.34 -44.13 4.15
N ARG A 397 -43.49 -43.44 3.03
CA ARG A 397 -44.76 -42.88 2.57
C ARG A 397 -44.89 -43.07 1.07
N ARG A 398 -46.12 -43.20 0.59
CA ARG A 398 -46.39 -43.30 -0.83
C ARG A 398 -46.48 -41.91 -1.45
N ILE A 399 -45.71 -41.67 -2.52
CA ILE A 399 -45.77 -40.43 -3.28
C ILE A 399 -45.93 -40.74 -4.77
N LYS A 400 -46.71 -39.91 -5.45
CA LYS A 400 -46.75 -39.84 -6.90
C LYS A 400 -46.21 -38.49 -7.33
N LEU A 401 -45.41 -38.47 -8.37
CA LEU A 401 -44.51 -37.36 -8.65
C LEU A 401 -44.60 -36.97 -10.12
N TYR A 402 -44.72 -35.68 -10.39
CA TYR A 402 -44.67 -35.12 -11.73
C TYR A 402 -43.48 -34.18 -11.83
N ALA A 403 -42.39 -34.65 -12.42
CA ALA A 403 -41.21 -33.83 -12.63
C ALA A 403 -41.37 -33.03 -13.91
N VAL A 404 -41.27 -31.72 -13.79
CA VAL A 404 -41.56 -30.79 -14.87
C VAL A 404 -40.27 -30.10 -15.25
N GLU A 405 -39.87 -30.26 -16.50
CA GLU A 405 -38.85 -29.43 -17.09
C GLU A 405 -39.23 -29.13 -18.52
N LYS A 406 -38.96 -27.91 -18.95
CA LYS A 406 -39.22 -27.51 -20.32
C LYS A 406 -38.05 -27.90 -21.21
N ASN A 407 -36.84 -27.64 -20.73
CA ASN A 407 -35.61 -27.75 -21.50
C ASN A 407 -35.46 -29.18 -22.02
N PRO A 408 -35.62 -29.43 -23.33
CA PRO A 408 -35.53 -30.82 -23.82
C PRO A 408 -34.18 -31.46 -23.56
N ASN A 409 -33.12 -30.66 -23.50
CA ASN A 409 -31.78 -31.20 -23.27
C ASN A 409 -31.66 -31.87 -21.91
N ALA A 410 -32.56 -31.56 -20.98
CA ALA A 410 -32.58 -32.18 -19.66
C ALA A 410 -33.67 -33.21 -19.52
N VAL A 411 -34.78 -33.05 -20.25
CA VAL A 411 -35.81 -34.08 -20.30
C VAL A 411 -35.22 -35.39 -20.80
N VAL A 412 -34.26 -35.30 -21.71
CA VAL A 412 -33.50 -36.45 -22.15
C VAL A 412 -32.84 -37.14 -20.96
N THR A 413 -32.40 -36.37 -19.97
CA THR A 413 -31.71 -36.95 -18.83
C THR A 413 -32.71 -37.48 -17.80
N LEU A 414 -33.79 -36.75 -17.58
CA LEU A 414 -34.85 -37.25 -16.70
C LEU A 414 -35.47 -38.52 -17.25
N GLU A 415 -35.77 -38.53 -18.55
CA GLU A 415 -36.41 -39.69 -19.15
C GLU A 415 -35.52 -40.92 -19.07
N ASN A 416 -34.20 -40.71 -19.10
CA ASN A 416 -33.28 -41.82 -18.89
C ASN A 416 -33.31 -42.28 -17.44
N TRP A 417 -33.42 -41.34 -16.51
CA TRP A 417 -33.56 -41.69 -15.10
C TRP A 417 -34.81 -42.50 -14.86
N GLN A 418 -35.91 -42.13 -15.52
CA GLN A 418 -37.19 -42.80 -15.32
C GLN A 418 -37.11 -44.28 -15.65
N PHE A 419 -36.37 -44.62 -16.69
CA PHE A 419 -36.29 -45.99 -17.18
C PHE A 419 -35.24 -46.79 -16.43
N GLU A 420 -34.19 -46.13 -15.95
CA GLU A 420 -33.08 -46.83 -15.31
C GLU A 420 -33.30 -47.04 -13.83
N GLU A 421 -33.80 -46.02 -13.12
CA GLU A 421 -33.75 -46.00 -11.66
C GLU A 421 -35.09 -45.78 -10.96
N TRP A 422 -35.90 -44.84 -11.44
CA TRP A 422 -37.03 -44.38 -10.63
C TRP A 422 -38.30 -45.19 -10.88
N GLY A 423 -38.50 -45.68 -12.08
CA GLY A 423 -39.68 -46.44 -12.39
C GLY A 423 -40.89 -45.54 -12.64
N SER A 424 -42.05 -46.20 -12.71
CA SER A 424 -43.30 -45.53 -13.05
C SER A 424 -43.76 -44.54 -11.99
N GLN A 425 -43.14 -44.55 -10.80
CA GLN A 425 -43.47 -43.58 -9.78
C GLN A 425 -43.29 -42.14 -10.28
N VAL A 426 -42.34 -41.92 -11.17
CA VAL A 426 -41.96 -40.60 -11.61
C VAL A 426 -42.57 -40.36 -12.99
N THR A 427 -43.52 -39.45 -13.04
CA THR A 427 -44.00 -38.91 -14.30
C THR A 427 -43.11 -37.75 -14.71
N VAL A 428 -42.93 -37.60 -16.02
CA VAL A 428 -42.22 -36.46 -16.58
C VAL A 428 -43.15 -35.71 -17.51
N VAL A 429 -43.14 -34.39 -17.39
CA VAL A 429 -43.91 -33.49 -18.23
C VAL A 429 -42.93 -32.72 -19.11
N SER A 430 -43.18 -32.72 -20.40
CA SER A 430 -42.31 -32.03 -21.35
C SER A 430 -42.77 -30.61 -21.58
N SER A 431 -44.07 -30.35 -21.55
CA SER A 431 -44.57 -28.99 -21.58
C SER A 431 -44.16 -28.26 -20.31
N ASP A 432 -44.15 -26.94 -20.38
CA ASP A 432 -43.69 -26.12 -19.27
C ASP A 432 -44.79 -25.93 -18.24
N MET A 433 -44.39 -25.59 -17.02
CA MET A 433 -45.30 -25.51 -15.89
C MET A 433 -46.33 -24.40 -16.03
N ARG A 434 -46.10 -23.43 -16.91
CA ARG A 434 -47.08 -22.38 -17.17
C ARG A 434 -48.06 -22.73 -18.29
N GLU A 435 -47.77 -23.77 -19.05
CA GLU A 435 -48.62 -24.21 -20.16
C GLU A 435 -49.37 -25.48 -19.85
N TRP A 436 -48.76 -26.39 -19.09
CA TRP A 436 -49.26 -27.75 -18.94
C TRP A 436 -50.66 -27.79 -18.36
N VAL A 437 -51.56 -28.49 -19.06
CA VAL A 437 -52.93 -28.67 -18.61
C VAL A 437 -53.00 -29.96 -17.78
N ALA A 438 -52.71 -29.85 -16.48
CA ALA A 438 -52.41 -31.04 -15.70
C ALA A 438 -53.69 -31.80 -15.34
N PRO A 439 -53.58 -33.11 -15.12
CA PRO A 439 -54.78 -33.91 -14.84
C PRO A 439 -55.19 -33.94 -13.38
N GLU A 440 -54.24 -33.69 -12.47
CA GLU A 440 -54.45 -33.90 -11.04
C GLU A 440 -53.84 -32.72 -10.31
N LYS A 441 -54.30 -32.51 -9.07
CA LYS A 441 -53.91 -31.36 -8.28
C LYS A 441 -52.82 -31.73 -7.29
N ALA A 442 -51.73 -30.98 -7.33
CA ALA A 442 -50.61 -31.24 -6.46
C ALA A 442 -50.94 -30.95 -5.01
N ASP A 443 -50.45 -31.82 -4.14
CA ASP A 443 -50.42 -31.55 -2.71
C ASP A 443 -49.21 -30.74 -2.31
N ILE A 444 -48.12 -30.86 -3.08
CA ILE A 444 -46.87 -30.16 -2.85
C ILE A 444 -46.32 -29.76 -4.21
N ILE A 445 -45.73 -28.57 -4.29
CA ILE A 445 -44.90 -28.18 -5.42
C ILE A 445 -43.54 -27.82 -4.88
N VAL A 446 -42.52 -28.50 -5.38
CA VAL A 446 -41.16 -28.45 -4.87
C VAL A 446 -40.31 -27.84 -5.97
N SER A 447 -39.29 -27.09 -5.59
CA SER A 447 -38.54 -26.39 -6.62
C SER A 447 -37.24 -25.83 -6.07
N GLU A 448 -36.28 -25.67 -6.99
CA GLU A 448 -35.27 -24.63 -6.91
C GLU A 448 -35.29 -23.89 -8.24
N LEU A 449 -36.17 -22.92 -8.33
CA LEU A 449 -36.05 -21.84 -9.29
C LEU A 449 -35.31 -20.64 -8.69
N LEU A 450 -34.69 -20.83 -7.53
CA LEU A 450 -34.06 -19.72 -6.82
C LEU A 450 -32.85 -19.22 -7.57
N GLY A 451 -32.26 -18.17 -7.00
CA GLY A 451 -31.04 -17.60 -7.50
C GLY A 451 -30.25 -17.05 -6.34
N SER A 452 -29.09 -16.50 -6.67
CA SER A 452 -28.27 -15.82 -5.69
C SER A 452 -29.04 -14.75 -4.94
N PHE A 453 -29.95 -14.10 -5.63
CA PHE A 453 -30.92 -13.19 -5.05
C PHE A 453 -32.26 -13.90 -5.24
N ALA A 454 -32.98 -14.13 -4.14
CA ALA A 454 -33.98 -15.20 -4.14
C ALA A 454 -35.09 -14.96 -5.14
N ASP A 455 -35.64 -13.75 -5.18
CA ASP A 455 -36.68 -13.45 -6.15
C ASP A 455 -36.15 -13.24 -7.56
N ASN A 456 -34.86 -13.47 -7.80
CA ASN A 456 -34.32 -13.47 -9.13
C ASN A 456 -34.66 -14.79 -9.81
N GLU A 457 -34.34 -14.87 -11.09
CA GLU A 457 -34.52 -16.08 -11.90
C GLU A 457 -35.96 -16.59 -11.89
N LEU A 458 -36.94 -15.74 -11.60
CA LEU A 458 -38.34 -15.99 -11.85
C LEU A 458 -38.89 -17.16 -11.07
N SER A 459 -38.36 -17.42 -9.89
CA SER A 459 -39.01 -18.34 -8.97
C SER A 459 -40.44 -17.92 -8.63
N PRO A 460 -40.77 -16.63 -8.41
CA PRO A 460 -42.14 -16.27 -8.07
C PRO A 460 -43.11 -16.37 -9.23
N GLU A 461 -42.76 -15.76 -10.36
CA GLU A 461 -43.65 -15.73 -11.50
C GLU A 461 -43.92 -17.12 -12.05
N CYS A 462 -42.98 -18.04 -11.85
CA CYS A 462 -43.19 -19.44 -12.25
C CYS A 462 -43.99 -20.21 -11.22
N LEU A 463 -43.66 -20.07 -9.93
CA LEU A 463 -44.40 -20.79 -8.90
C LEU A 463 -45.82 -20.28 -8.78
N ASP A 464 -45.99 -18.96 -8.73
CA ASP A 464 -47.33 -18.39 -8.71
C ASP A 464 -48.06 -18.61 -10.02
N GLY A 465 -47.37 -19.01 -11.07
CA GLY A 465 -47.99 -19.49 -12.29
C GLY A 465 -48.41 -20.93 -12.14
N ALA A 466 -47.59 -21.73 -11.46
CA ALA A 466 -47.88 -23.13 -11.20
C ALA A 466 -48.69 -23.35 -9.93
N GLN A 467 -49.44 -22.34 -9.52
CA GLN A 467 -50.28 -22.42 -8.34
C GLN A 467 -51.70 -22.88 -8.67
N HIS A 468 -52.11 -22.75 -9.94
CA HIS A 468 -53.45 -23.17 -10.34
C HIS A 468 -53.60 -24.68 -10.49
N PHE A 469 -52.55 -25.46 -10.22
CA PHE A 469 -52.69 -26.90 -10.00
C PHE A 469 -52.05 -27.30 -8.69
N LEU A 470 -52.32 -26.51 -7.65
CA LEU A 470 -51.97 -26.85 -6.28
C LEU A 470 -53.25 -26.92 -5.46
N LYS A 471 -53.35 -27.96 -4.62
CA LYS A 471 -54.49 -28.09 -3.73
C LYS A 471 -54.58 -26.91 -2.79
N ASP A 472 -55.80 -26.62 -2.32
CA ASP A 472 -55.98 -25.52 -1.39
C ASP A 472 -55.43 -25.89 0.00
N ASP A 473 -55.39 -27.19 0.32
CA ASP A 473 -54.68 -27.65 1.50
C ASP A 473 -53.17 -27.68 1.30
N GLY A 474 -52.71 -27.45 0.08
CA GLY A 474 -51.32 -27.72 -0.24
C GLY A 474 -50.38 -26.66 0.25
N VAL A 475 -49.10 -26.99 0.12
CA VAL A 475 -47.98 -26.16 0.53
C VAL A 475 -47.05 -26.01 -0.65
N SER A 476 -46.02 -25.20 -0.46
CA SER A 476 -45.01 -24.97 -1.48
C SER A 476 -43.65 -24.96 -0.84
N ILE A 477 -42.67 -25.47 -1.58
CA ILE A 477 -41.31 -25.61 -1.13
C ILE A 477 -40.41 -25.06 -2.23
N PRO A 478 -39.58 -24.02 -1.97
CA PRO A 478 -39.54 -23.17 -0.79
C PRO A 478 -40.82 -22.38 -0.62
N GLY A 479 -41.36 -22.40 0.61
CA GLY A 479 -42.60 -21.72 0.88
C GLY A 479 -42.41 -20.23 1.02
N GLU A 480 -41.27 -19.80 1.52
CA GLU A 480 -40.97 -18.41 1.73
C GLU A 480 -39.50 -18.17 1.45
N TYR A 481 -39.20 -17.02 0.87
CA TYR A 481 -37.83 -16.58 0.71
C TYR A 481 -37.80 -15.07 0.74
N THR A 482 -36.73 -14.53 1.32
CA THR A 482 -36.61 -13.11 1.55
C THR A 482 -35.19 -12.70 1.24
N SER A 483 -35.04 -11.74 0.34
CA SER A 483 -33.74 -11.28 -0.08
C SER A 483 -33.25 -10.16 0.83
N PHE A 484 -31.94 -10.03 0.89
CA PHE A 484 -31.26 -9.25 1.91
C PHE A 484 -30.18 -8.42 1.23
N LEU A 485 -30.04 -7.17 1.65
CA LEU A 485 -29.13 -6.21 1.07
C LEU A 485 -28.27 -5.52 2.12
N ALA A 486 -27.03 -5.21 1.76
CA ALA A 486 -26.16 -4.38 2.57
C ALA A 486 -25.24 -3.59 1.66
N PRO A 487 -24.90 -2.35 2.03
CA PRO A 487 -23.91 -1.62 1.23
C PRO A 487 -22.51 -2.17 1.46
N ILE A 488 -21.66 -2.02 0.44
CA ILE A 488 -20.28 -2.47 0.50
C ILE A 488 -19.39 -1.44 -0.16
N SER A 489 -18.19 -1.29 0.38
CA SER A 489 -17.11 -0.55 -0.27
C SER A 489 -16.13 -1.55 -0.86
N SER A 490 -15.83 -1.39 -2.14
CA SER A 490 -14.87 -2.29 -2.78
C SER A 490 -14.27 -1.59 -4.00
N SER A 491 -13.05 -1.08 -3.83
CA SER A 491 -12.35 -0.46 -4.94
C SER A 491 -11.87 -1.47 -5.96
N LYS A 492 -11.73 -2.74 -5.58
CA LYS A 492 -11.30 -3.76 -6.52
C LYS A 492 -12.47 -4.34 -7.31
N LEU A 493 -13.62 -4.53 -6.67
CA LEU A 493 -14.79 -4.98 -7.42
C LEU A 493 -15.27 -3.91 -8.39
N TYR A 494 -15.15 -2.63 -8.01
CA TYR A 494 -15.54 -1.55 -8.90
C TYR A 494 -14.71 -1.54 -10.18
N ASN A 495 -13.41 -1.81 -10.07
CA ASN A 495 -12.57 -1.82 -11.26
C ASN A 495 -12.85 -3.04 -12.10
N GLU A 496 -13.18 -4.16 -11.46
CA GLU A 496 -13.59 -5.34 -12.20
C GLU A 496 -14.95 -5.15 -12.85
N VAL A 497 -15.72 -4.15 -12.40
CA VAL A 497 -16.95 -3.78 -13.08
C VAL A 497 -16.65 -2.94 -14.33
N ARG A 498 -15.78 -1.93 -14.18
CA ARG A 498 -15.38 -1.15 -15.34
C ARG A 498 -14.67 -2.01 -16.37
N ALA A 499 -13.98 -3.06 -15.93
CA ALA A 499 -13.32 -3.97 -16.86
C ALA A 499 -14.30 -4.65 -17.80
N CYS A 500 -15.60 -4.65 -17.48
CA CYS A 500 -16.61 -5.18 -18.36
C CYS A 500 -17.07 -4.19 -19.42
N ARG A 501 -16.40 -3.05 -19.56
CA ARG A 501 -16.76 -2.09 -20.61
C ARG A 501 -16.68 -2.77 -21.96
N GLU A 502 -17.83 -2.84 -22.63
CA GLU A 502 -18.00 -3.70 -23.79
C GLU A 502 -18.48 -2.87 -24.96
N LYS A 503 -17.90 -3.14 -26.12
CA LYS A 503 -18.22 -2.37 -27.32
C LYS A 503 -19.62 -2.72 -27.80
N ASP A 504 -20.23 -1.77 -28.51
CA ASP A 504 -21.58 -1.93 -29.05
C ASP A 504 -22.63 -2.00 -27.94
N ARG A 505 -22.39 -1.29 -26.84
CA ARG A 505 -23.44 -0.98 -25.89
C ARG A 505 -23.09 0.33 -25.19
N ASP A 506 -24.05 0.83 -24.43
CA ASP A 506 -23.84 2.06 -23.69
C ASP A 506 -22.74 1.84 -22.65
N PRO A 507 -21.65 2.63 -22.66
CA PRO A 507 -20.51 2.29 -21.81
C PRO A 507 -20.75 2.43 -20.31
N GLU A 508 -21.92 2.88 -19.87
CA GLU A 508 -22.26 2.93 -18.46
C GLU A 508 -23.31 1.90 -18.07
N ALA A 509 -23.78 1.09 -19.02
CA ALA A 509 -24.78 0.08 -18.71
C ALA A 509 -24.21 -1.08 -17.91
N GLN A 510 -22.89 -1.24 -17.84
CA GLN A 510 -22.33 -2.30 -17.02
C GLN A 510 -22.55 -2.05 -15.54
N PHE A 511 -22.92 -0.83 -15.15
CA PHE A 511 -23.27 -0.51 -13.78
C PHE A 511 -24.75 -0.74 -13.49
N GLU A 512 -25.57 -0.77 -14.52
CA GLU A 512 -27.00 -1.02 -14.40
C GLU A 512 -27.35 -2.50 -14.46
N MET A 513 -26.40 -3.37 -14.15
CA MET A 513 -26.60 -4.80 -14.19
C MET A 513 -25.83 -5.45 -13.06
N PRO A 514 -26.35 -6.52 -12.46
CA PRO A 514 -25.67 -7.13 -11.33
C PRO A 514 -24.55 -8.06 -11.76
N TYR A 515 -23.77 -8.47 -10.77
CA TYR A 515 -22.65 -9.37 -10.98
C TYR A 515 -22.56 -10.35 -9.83
N VAL A 516 -22.52 -11.63 -10.16
CA VAL A 516 -22.35 -12.67 -9.15
C VAL A 516 -20.88 -12.77 -8.79
N VAL A 517 -20.60 -12.93 -7.51
CA VAL A 517 -19.23 -12.91 -7.04
C VAL A 517 -19.06 -13.54 -5.67
N ARG A 518 -17.98 -14.29 -5.49
CA ARG A 518 -17.52 -14.60 -4.14
C ARG A 518 -16.84 -13.36 -3.58
N LEU A 519 -17.57 -12.58 -2.79
CA LEU A 519 -17.03 -11.35 -2.24
C LEU A 519 -15.84 -11.65 -1.35
N HIS A 520 -14.65 -11.26 -1.79
CA HIS A 520 -13.42 -11.49 -1.04
C HIS A 520 -12.72 -10.19 -0.69
N ASN A 521 -12.52 -9.32 -1.68
CA ASN A 521 -11.81 -8.04 -1.49
C ASN A 521 -12.83 -6.91 -1.36
N PHE A 522 -13.51 -6.91 -0.22
CA PHE A 522 -14.66 -6.05 -0.02
C PHE A 522 -14.78 -5.74 1.46
N HIS A 523 -15.44 -4.62 1.77
CA HIS A 523 -15.81 -4.26 3.13
C HIS A 523 -17.30 -3.97 3.18
N GLN A 524 -17.94 -4.44 4.25
CA GLN A 524 -19.37 -4.29 4.43
C GLN A 524 -19.65 -3.26 5.51
N LEU A 525 -20.55 -2.33 5.22
CA LEU A 525 -20.81 -1.18 6.06
C LEU A 525 -21.97 -1.36 7.03
N SER A 526 -22.86 -2.33 6.80
CA SER A 526 -23.99 -2.48 7.70
C SER A 526 -24.54 -3.90 7.64
N ALA A 527 -25.18 -4.28 8.74
CA ALA A 527 -25.89 -5.55 8.80
C ALA A 527 -26.97 -5.58 7.71
N PRO A 528 -27.10 -6.65 6.95
CA PRO A 528 -28.08 -6.64 5.87
C PRO A 528 -29.52 -6.61 6.35
N GLN A 529 -30.34 -5.84 5.62
CA GLN A 529 -31.76 -5.65 5.88
C GLN A 529 -32.61 -6.36 4.84
N PRO A 530 -33.73 -6.97 5.21
CA PRO A 530 -34.58 -7.62 4.21
C PRO A 530 -35.19 -6.63 3.24
N CYS A 531 -35.05 -6.92 1.94
CA CYS A 531 -35.60 -6.05 0.91
C CYS A 531 -36.97 -6.53 0.45
N PHE A 532 -37.02 -7.72 -0.14
CA PHE A 532 -38.22 -8.28 -0.75
C PHE A 532 -38.58 -9.61 -0.11
N THR A 533 -39.82 -9.73 0.33
CA THR A 533 -40.35 -10.98 0.87
C THR A 533 -41.34 -11.57 -0.11
N PHE A 534 -41.24 -12.87 -0.32
CA PHE A 534 -42.23 -13.63 -1.05
C PHE A 534 -42.59 -14.86 -0.25
N SER A 535 -43.89 -15.14 -0.18
CA SER A 535 -44.39 -16.34 0.44
C SER A 535 -45.33 -17.01 -0.53
N HIS A 536 -45.10 -18.29 -0.76
CA HIS A 536 -45.92 -19.09 -1.64
C HIS A 536 -46.64 -20.14 -0.82
N PRO A 537 -47.86 -20.53 -1.20
CA PRO A 537 -48.69 -20.04 -2.30
C PRO A 537 -49.30 -18.69 -1.98
N ASN A 538 -49.59 -17.90 -3.00
CA ASN A 538 -50.26 -16.63 -2.79
C ASN A 538 -51.70 -16.92 -2.40
N ARG A 539 -52.03 -16.64 -1.14
CA ARG A 539 -53.38 -16.88 -0.64
C ARG A 539 -54.40 -15.90 -1.21
N ASP A 540 -53.98 -14.89 -1.97
CA ASP A 540 -54.82 -13.78 -2.35
C ASP A 540 -55.09 -13.76 -3.85
N PRO A 541 -56.14 -13.08 -4.29
CA PRO A 541 -56.33 -12.85 -5.73
C PRO A 541 -55.27 -11.89 -6.29
N MET A 542 -55.66 -11.06 -7.26
CA MET A 542 -54.79 -10.41 -8.26
C MET A 542 -53.38 -10.07 -7.80
N ILE A 543 -53.28 -9.48 -6.61
CA ILE A 543 -52.17 -8.66 -6.10
C ILE A 543 -50.80 -9.14 -6.56
N ASP A 544 -49.94 -8.18 -6.92
CA ASP A 544 -48.89 -8.40 -7.91
C ASP A 544 -47.52 -8.42 -7.24
N ASN A 545 -46.60 -9.11 -7.90
CA ASN A 545 -45.20 -9.17 -7.51
C ASN A 545 -44.44 -7.88 -7.75
N ASN A 546 -45.05 -6.92 -8.43
CA ASN A 546 -44.45 -5.59 -8.52
C ASN A 546 -44.35 -5.01 -7.12
N ARG A 547 -43.12 -4.71 -6.70
CA ARG A 547 -42.87 -4.33 -5.33
C ARG A 547 -41.99 -3.08 -5.26
N TYR A 548 -42.18 -2.33 -4.19
CA TYR A 548 -41.40 -1.14 -3.88
C TYR A 548 -40.85 -1.28 -2.47
N CYS A 549 -39.61 -0.84 -2.26
CA CYS A 549 -38.99 -0.99 -0.96
C CYS A 549 -37.94 0.09 -0.76
N THR A 550 -37.79 0.51 0.49
CA THR A 550 -36.81 1.48 0.93
C THR A 550 -36.09 0.97 2.17
N LEU A 551 -34.79 1.21 2.22
CA LEU A 551 -33.96 0.76 3.32
C LEU A 551 -32.99 1.85 3.72
N GLU A 552 -32.80 2.03 5.02
CA GLU A 552 -31.85 2.99 5.56
C GLU A 552 -30.82 2.25 6.39
N PHE A 553 -29.54 2.40 6.02
CA PHE A 553 -28.44 1.73 6.69
C PHE A 553 -27.57 2.77 7.40
N PRO A 554 -27.27 2.62 8.69
CA PRO A 554 -26.35 3.56 9.32
C PRO A 554 -24.94 3.39 8.80
N VAL A 555 -24.09 4.37 9.12
CA VAL A 555 -22.70 4.40 8.67
C VAL A 555 -21.81 4.83 9.83
N GLU A 556 -20.60 4.27 9.89
CA GLU A 556 -19.69 4.49 11.00
C GLU A 556 -18.51 5.38 10.67
N VAL A 557 -18.00 5.34 9.44
CA VAL A 557 -16.69 5.90 9.14
C VAL A 557 -16.66 6.36 7.69
N ASN A 558 -15.72 7.25 7.39
CA ASN A 558 -15.57 7.74 6.02
C ASN A 558 -15.17 6.59 5.11
N THR A 559 -15.98 6.37 4.08
CA THR A 559 -15.68 5.34 3.11
C THR A 559 -16.52 5.56 1.88
N VAL A 560 -16.00 5.11 0.77
CA VAL A 560 -16.72 5.17 -0.49
C VAL A 560 -17.72 4.02 -0.49
N LEU A 561 -18.81 4.21 -1.21
CA LEU A 561 -19.75 3.14 -1.49
C LEU A 561 -19.68 2.83 -2.98
N HIS A 562 -19.46 1.56 -3.30
CA HIS A 562 -19.40 1.10 -4.67
C HIS A 562 -20.52 0.14 -5.06
N GLY A 563 -21.37 -0.25 -4.12
CA GLY A 563 -22.55 -1.01 -4.49
C GLY A 563 -23.22 -1.61 -3.27
N PHE A 564 -24.24 -2.41 -3.55
CA PHE A 564 -25.00 -3.12 -2.54
C PHE A 564 -24.97 -4.61 -2.86
N ALA A 565 -24.67 -5.42 -1.86
CA ALA A 565 -24.46 -6.85 -2.05
C ALA A 565 -25.74 -7.60 -1.74
N GLY A 566 -26.12 -8.52 -2.63
CA GLY A 566 -27.32 -9.31 -2.46
C GLY A 566 -27.05 -10.64 -1.80
N TYR A 567 -27.85 -10.96 -0.80
CA TYR A 567 -27.86 -12.23 -0.12
C TYR A 567 -29.29 -12.75 -0.12
N PHE A 568 -29.52 -13.88 0.51
CA PHE A 568 -30.90 -14.35 0.63
C PHE A 568 -31.04 -15.35 1.76
N GLU A 569 -32.27 -15.49 2.22
CA GLU A 569 -32.68 -16.45 3.22
C GLU A 569 -34.00 -17.07 2.76
N THR A 570 -34.11 -18.38 2.90
CA THR A 570 -35.30 -19.09 2.44
C THR A 570 -35.72 -20.15 3.43
N VAL A 571 -37.01 -20.15 3.74
CA VAL A 571 -37.63 -21.14 4.61
C VAL A 571 -38.22 -22.21 3.69
N LEU A 572 -37.50 -23.31 3.54
CA LEU A 572 -38.02 -24.44 2.78
C LEU A 572 -39.30 -24.95 3.41
N TYR A 573 -39.26 -25.13 4.72
CA TYR A 573 -40.39 -25.52 5.54
C TYR A 573 -40.00 -25.04 6.92
N GLN A 574 -40.88 -25.21 7.90
CA GLN A 574 -40.64 -24.59 9.21
C GLN A 574 -39.32 -25.07 9.80
N ASP A 575 -38.56 -24.12 10.32
CA ASP A 575 -37.26 -24.26 10.99
C ASP A 575 -36.20 -24.95 10.12
N ILE A 576 -36.41 -25.04 8.81
CA ILE A 576 -35.43 -25.57 7.87
C ILE A 576 -35.09 -24.45 6.89
N THR A 577 -33.81 -24.07 6.86
CA THR A 577 -33.39 -22.85 6.19
C THR A 577 -32.10 -23.05 5.43
N LEU A 578 -32.16 -22.82 4.12
CA LEU A 578 -30.99 -22.50 3.34
C LEU A 578 -30.73 -21.01 3.46
N SER A 579 -29.46 -20.63 3.47
CA SER A 579 -29.13 -19.24 3.64
C SER A 579 -27.66 -19.02 3.33
N ILE A 580 -27.37 -17.87 2.74
CA ILE A 580 -26.00 -17.41 2.49
C ILE A 580 -25.79 -16.05 3.12
N ARG A 581 -26.73 -15.61 3.95
CA ARG A 581 -26.51 -14.42 4.73
C ARG A 581 -25.35 -14.67 5.69
N PRO A 582 -24.36 -13.77 5.79
CA PRO A 582 -23.17 -14.09 6.60
C PRO A 582 -23.48 -14.40 8.06
N GLU A 583 -24.37 -13.62 8.69
CA GLU A 583 -24.69 -13.86 10.08
C GLU A 583 -25.52 -15.12 10.29
N THR A 584 -26.07 -15.69 9.21
CA THR A 584 -26.85 -16.92 9.28
C THR A 584 -26.53 -17.84 8.11
N HIS A 585 -25.27 -17.84 7.69
CA HIS A 585 -24.82 -18.70 6.60
C HIS A 585 -25.08 -20.15 6.92
N SER A 586 -25.69 -20.86 5.98
CA SER A 586 -25.84 -22.30 6.12
C SER A 586 -24.47 -22.97 6.03
N PRO A 587 -24.26 -24.08 6.74
CA PRO A 587 -22.94 -24.69 6.73
C PRO A 587 -22.68 -25.47 5.46
N GLY A 588 -21.48 -25.34 4.93
CA GLY A 588 -21.05 -26.13 3.78
C GLY A 588 -21.82 -25.93 2.50
N MET A 589 -22.67 -24.90 2.43
CA MET A 589 -23.44 -24.60 1.23
C MET A 589 -22.74 -23.47 0.49
N PHE A 590 -22.40 -23.74 -0.75
CA PHE A 590 -21.61 -22.81 -1.56
C PHE A 590 -22.10 -22.68 -2.99
N SER A 591 -23.24 -23.30 -3.34
CA SER A 591 -23.72 -23.23 -4.70
C SER A 591 -24.08 -21.81 -5.10
N TRP A 592 -24.67 -21.05 -4.18
CA TRP A 592 -25.15 -19.71 -4.46
C TRP A 592 -24.20 -18.71 -3.83
N PHE A 593 -23.53 -17.96 -4.65
CA PHE A 593 -22.70 -16.84 -4.24
C PHE A 593 -23.55 -15.60 -4.05
N PRO A 594 -23.07 -14.58 -3.33
CA PRO A 594 -23.78 -13.30 -3.33
C PRO A 594 -23.76 -12.63 -4.68
N ILE A 595 -24.50 -11.53 -4.84
CA ILE A 595 -24.43 -10.72 -6.04
C ILE A 595 -24.07 -9.29 -5.68
N LEU A 596 -23.57 -8.58 -6.67
CA LEU A 596 -23.16 -7.19 -6.56
C LEU A 596 -24.04 -6.35 -7.46
N PHE A 597 -24.59 -5.27 -6.91
CA PHE A 597 -25.28 -4.26 -7.70
C PHE A 597 -24.41 -3.02 -7.78
N PRO A 598 -23.76 -2.72 -8.89
CA PRO A 598 -22.93 -1.50 -8.95
C PRO A 598 -23.76 -0.25 -9.15
N ILE A 599 -23.09 0.89 -9.00
CA ILE A 599 -23.70 2.20 -9.15
C ILE A 599 -22.84 3.05 -10.08
N LYS A 600 -23.48 4.01 -10.75
CA LYS A 600 -22.88 4.70 -11.90
C LYS A 600 -21.61 5.44 -11.51
N GLN A 601 -21.65 6.13 -10.37
CA GLN A 601 -20.55 6.94 -9.88
C GLN A 601 -20.45 6.64 -8.39
N PRO A 602 -19.28 6.29 -7.86
CA PRO A 602 -19.21 5.94 -6.44
C PRO A 602 -19.58 7.10 -5.54
N ILE A 603 -20.02 6.76 -4.34
CA ILE A 603 -20.58 7.68 -3.37
C ILE A 603 -19.67 7.72 -2.17
N THR A 604 -19.18 8.92 -1.83
CA THR A 604 -18.27 9.12 -0.72
C THR A 604 -19.07 9.62 0.48
N VAL A 605 -18.97 8.90 1.59
CA VAL A 605 -19.90 9.04 2.70
C VAL A 605 -19.17 9.58 3.92
N ARG A 606 -19.93 10.29 4.76
CA ARG A 606 -19.46 10.82 6.02
C ARG A 606 -20.12 10.06 7.15
N GLU A 607 -19.35 9.79 8.19
CA GLU A 607 -19.87 9.07 9.35
C GLU A 607 -21.02 9.82 9.98
N GLY A 608 -21.89 9.07 10.65
CA GLY A 608 -23.11 9.60 11.21
C GLY A 608 -24.26 9.72 10.25
N GLN A 609 -24.00 9.62 8.94
CA GLN A 609 -25.05 9.69 7.94
C GLN A 609 -25.84 8.39 7.90
N THR A 610 -26.83 8.34 7.02
CA THR A 610 -27.51 7.11 6.64
C THR A 610 -27.44 6.94 5.14
N ILE A 611 -27.17 5.72 4.72
CA ILE A 611 -27.26 5.33 3.32
C ILE A 611 -28.69 4.88 3.09
N CYS A 612 -29.46 5.69 2.36
CA CYS A 612 -30.85 5.35 2.03
C CYS A 612 -30.87 4.90 0.58
N VAL A 613 -31.27 3.65 0.37
CA VAL A 613 -31.29 3.06 -0.96
C VAL A 613 -32.69 2.60 -1.25
N ARG A 614 -33.12 2.84 -2.49
CA ARG A 614 -34.43 2.47 -2.97
C ARG A 614 -34.24 1.45 -4.08
N PHE A 615 -34.89 0.30 -3.96
CA PHE A 615 -34.92 -0.70 -5.00
C PHE A 615 -36.35 -0.89 -5.42
N TRP A 616 -36.55 -1.18 -6.69
CA TRP A 616 -37.83 -1.60 -7.23
C TRP A 616 -37.66 -2.91 -7.95
N ARG A 617 -38.68 -3.76 -7.84
CA ARG A 617 -38.85 -4.93 -8.69
C ARG A 617 -40.12 -4.68 -9.48
N CYS A 618 -39.97 -4.54 -10.79
CA CYS A 618 -41.05 -4.15 -11.67
C CYS A 618 -41.08 -5.14 -12.81
N SER A 619 -42.20 -5.18 -13.51
CA SER A 619 -42.40 -6.24 -14.48
C SER A 619 -43.61 -5.93 -15.35
N ASN A 620 -43.70 -6.67 -16.45
CA ASN A 620 -44.87 -6.72 -17.31
C ASN A 620 -45.06 -8.19 -17.69
N SER A 621 -45.89 -8.45 -18.69
CA SER A 621 -46.07 -9.83 -19.14
C SER A 621 -44.84 -10.38 -19.87
N LYS A 622 -43.98 -9.50 -20.37
CA LYS A 622 -42.80 -9.90 -21.13
C LYS A 622 -41.54 -9.94 -20.29
N LYS A 623 -41.22 -8.84 -19.63
CA LYS A 623 -39.95 -8.64 -18.96
C LYS A 623 -40.14 -8.61 -17.45
N VAL A 624 -39.07 -8.96 -16.75
CA VAL A 624 -38.95 -8.71 -15.32
C VAL A 624 -37.58 -8.09 -15.09
N TRP A 625 -37.51 -7.14 -14.17
CA TRP A 625 -36.28 -6.42 -13.95
C TRP A 625 -36.26 -5.79 -12.56
N TYR A 626 -35.10 -5.23 -12.25
CA TYR A 626 -34.86 -4.48 -11.03
C TYR A 626 -34.48 -3.07 -11.40
N GLU A 627 -34.81 -2.14 -10.52
CA GLU A 627 -34.27 -0.80 -10.57
C GLU A 627 -33.78 -0.48 -9.17
N TRP A 628 -32.76 0.34 -9.08
CA TRP A 628 -32.17 0.67 -7.80
C TRP A 628 -31.59 2.07 -7.87
N ALA A 629 -31.66 2.77 -6.74
CA ALA A 629 -31.18 4.12 -6.64
C ALA A 629 -30.80 4.40 -5.19
N VAL A 630 -29.67 5.04 -5.02
CA VAL A 630 -29.27 5.63 -3.75
C VAL A 630 -29.68 7.08 -3.76
N THR A 631 -30.40 7.51 -2.72
CA THR A 631 -30.90 8.87 -2.60
C THR A 631 -30.41 9.63 -1.39
N ALA A 632 -29.86 8.95 -0.39
CA ALA A 632 -29.21 9.59 0.73
C ALA A 632 -27.88 8.90 0.98
N PRO A 633 -26.78 9.66 1.20
CA PRO A 633 -26.60 11.11 1.31
C PRO A 633 -26.70 11.87 -0.02
N VAL A 634 -26.59 11.17 -1.14
CA VAL A 634 -26.55 11.81 -2.46
C VAL A 634 -27.38 10.99 -3.45
N CYS A 635 -27.89 11.69 -4.47
CA CYS A 635 -28.80 11.07 -5.42
C CYS A 635 -28.02 10.39 -6.54
N SER A 636 -28.27 9.09 -6.71
CA SER A 636 -27.75 8.30 -7.82
C SER A 636 -28.88 8.02 -8.79
N ALA A 637 -28.60 8.18 -10.08
CA ALA A 637 -29.58 7.97 -11.12
C ALA A 637 -30.21 6.60 -11.02
N ILE A 638 -31.52 6.54 -11.29
CA ILE A 638 -32.25 5.29 -11.19
C ILE A 638 -31.68 4.30 -12.18
N HIS A 639 -31.15 3.20 -11.68
CA HIS A 639 -30.42 2.24 -12.48
C HIS A 639 -31.35 1.22 -13.11
N ASN A 640 -30.97 0.77 -14.29
CA ASN A 640 -31.70 -0.21 -15.07
C ASN A 640 -33.14 0.16 -15.29
N PRO A 641 -33.45 1.37 -15.73
CA PRO A 641 -34.84 1.71 -15.99
C PRO A 641 -35.33 1.03 -17.25
N THR A 642 -36.44 0.32 -17.13
CA THR A 642 -37.08 -0.32 -18.26
C THR A 642 -36.17 -1.38 -18.89
N GLY A 643 -35.40 -2.06 -18.04
CA GLY A 643 -34.65 -3.22 -18.47
C GLY A 643 -33.64 -2.96 -19.57
N ARG A 644 -33.15 -1.73 -19.68
CA ARG A 644 -32.24 -1.40 -20.77
C ARG A 644 -30.90 -2.10 -20.66
N SER A 645 -30.54 -2.58 -19.47
CA SER A 645 -29.28 -3.28 -19.25
C SER A 645 -29.43 -4.70 -18.74
N TYR A 646 -30.56 -5.04 -18.14
CA TYR A 646 -30.67 -6.31 -17.45
C TYR A 646 -32.13 -6.72 -17.39
N THR A 647 -32.36 -8.00 -17.64
CA THR A 647 -33.68 -8.60 -17.50
C THR A 647 -33.50 -10.06 -17.17
N ILE A 648 -34.56 -10.63 -16.61
CA ILE A 648 -34.73 -12.07 -16.44
C ILE A 648 -36.03 -12.43 -17.13
N GLY A 649 -35.93 -13.00 -18.32
CA GLY A 649 -37.04 -13.01 -19.24
C GLY A 649 -38.03 -14.10 -18.92
N LEU A 650 -39.30 -13.72 -18.85
CA LEU A 650 -40.39 -14.63 -18.57
C LEU A 650 -40.46 -15.73 -19.63
N ALA B 50 47.06 -0.46 -1.57
CA ALA B 50 46.04 0.57 -1.47
C ALA B 50 45.06 0.46 -2.63
N PRO B 51 43.91 1.12 -2.56
CA PRO B 51 42.98 1.06 -3.69
C PRO B 51 43.57 1.72 -4.93
N ALA B 52 43.35 1.06 -6.07
CA ALA B 52 43.93 1.54 -7.32
C ALA B 52 43.13 2.67 -7.94
N CYS B 53 41.84 2.76 -7.61
CA CYS B 53 40.91 3.63 -8.31
C CYS B 53 40.08 4.41 -7.28
N MET B 54 39.50 5.51 -7.75
CA MET B 54 38.58 6.30 -6.96
C MET B 54 37.36 6.62 -7.80
N GLU B 55 36.31 7.06 -7.10
CA GLU B 55 35.04 7.37 -7.71
C GLU B 55 34.99 8.82 -8.15
N ARG B 56 34.11 9.09 -9.11
CA ARG B 56 34.01 10.44 -9.67
C ARG B 56 33.33 11.39 -8.69
N GLN B 57 32.15 11.01 -8.19
CA GLN B 57 31.31 11.92 -7.43
C GLN B 57 31.84 12.06 -6.01
N LEU B 58 32.70 13.05 -5.82
CA LEU B 58 33.15 13.45 -4.50
C LEU B 58 32.01 14.10 -3.74
N GLU B 59 31.82 13.67 -2.49
CA GLU B 59 30.69 14.11 -1.68
C GLU B 59 31.07 14.93 -0.45
N ALA B 60 32.28 14.76 0.10
CA ALA B 60 32.64 15.42 1.34
C ALA B 60 34.10 15.86 1.32
N ALA B 61 34.36 16.93 2.07
CA ALA B 61 35.71 17.46 2.27
C ALA B 61 35.83 17.94 3.70
N ARG B 62 36.91 17.55 4.38
CA ARG B 62 37.08 17.88 5.79
C ARG B 62 38.57 17.98 6.10
N TYR B 63 39.05 19.19 6.33
CA TYR B 63 40.39 19.39 6.84
C TYR B 63 40.49 18.96 8.29
N ARG B 64 41.72 18.85 8.78
CA ARG B 64 42.02 18.78 10.20
C ARG B 64 43.12 19.78 10.51
N SER B 65 43.56 19.79 11.76
CA SER B 65 44.36 20.90 12.26
C SER B 65 45.70 21.05 11.56
N ASP B 66 46.34 19.96 11.13
CA ASP B 66 47.62 20.05 10.45
C ASP B 66 47.47 20.29 8.94
N GLY B 67 46.28 20.68 8.49
CA GLY B 67 46.05 21.02 7.10
C GLY B 67 45.82 19.85 6.16
N ALA B 68 45.89 18.63 6.65
CA ALA B 68 45.64 17.48 5.79
C ALA B 68 44.19 17.45 5.36
N LEU B 69 43.96 17.05 4.12
CA LEU B 69 42.65 17.08 3.49
C LEU B 69 42.08 15.67 3.44
N LEU B 70 40.82 15.54 3.85
CA LEU B 70 40.10 14.27 3.79
C LEU B 70 38.96 14.41 2.80
N LEU B 71 38.86 13.46 1.88
CA LEU B 71 37.75 13.37 0.95
C LEU B 71 36.99 12.08 1.16
N GLY B 72 35.66 12.19 1.13
CA GLY B 72 34.78 11.06 0.94
C GLY B 72 34.29 11.08 -0.49
N ALA B 73 34.43 9.95 -1.16
CA ALA B 73 34.06 9.80 -2.55
C ALA B 73 33.18 8.58 -2.70
N SER B 74 32.19 8.69 -3.58
CA SER B 74 31.22 7.63 -3.79
C SER B 74 30.85 7.55 -5.25
N SER B 75 30.46 6.35 -5.67
CA SER B 75 29.90 6.09 -6.98
C SER B 75 28.40 6.34 -6.92
N LEU B 76 27.98 7.50 -7.41
CA LEU B 76 26.56 7.80 -7.58
C LEU B 76 26.06 7.39 -8.95
N SER B 77 26.74 6.45 -9.58
CA SER B 77 26.38 5.92 -10.88
C SER B 77 27.16 4.63 -11.08
N GLY B 78 27.16 4.12 -12.28
CA GLY B 78 28.01 3.00 -12.58
C GLY B 78 27.47 1.67 -12.06
N ARG B 79 28.29 0.64 -12.28
CA ARG B 79 27.91 -0.70 -11.86
C ARG B 79 27.89 -0.81 -10.34
N CYS B 80 28.89 -0.24 -9.68
CA CYS B 80 29.10 -0.40 -8.23
C CYS B 80 28.94 0.95 -7.58
N TRP B 81 27.96 1.09 -6.70
CA TRP B 81 27.75 2.32 -5.94
C TRP B 81 28.57 2.33 -4.65
N ALA B 82 29.61 1.50 -4.57
CA ALA B 82 30.50 1.57 -3.43
C ALA B 82 31.27 2.90 -3.43
N GLY B 83 31.89 3.19 -2.30
CA GLY B 83 32.55 4.46 -2.09
C GLY B 83 33.90 4.31 -1.41
N SER B 84 34.55 5.45 -1.24
CA SER B 84 35.94 5.48 -0.82
C SER B 84 36.22 6.73 0.00
N LEU B 85 37.17 6.58 0.93
CA LEU B 85 37.74 7.66 1.71
C LEU B 85 39.16 7.86 1.23
N TRP B 86 39.59 9.12 1.14
CA TRP B 86 40.94 9.44 0.71
C TRP B 86 41.50 10.54 1.59
N LEU B 87 42.64 10.27 2.21
CA LEU B 87 43.35 11.23 3.05
C LEU B 87 44.52 11.78 2.27
N PHE B 88 44.59 13.09 2.16
CA PHE B 88 45.69 13.79 1.50
C PHE B 88 46.38 14.68 2.51
N LYS B 89 47.70 14.51 2.64
CA LYS B 89 48.49 15.48 3.39
C LYS B 89 48.55 16.81 2.67
N ASP B 90 48.36 16.81 1.34
CA ASP B 90 48.37 18.00 0.51
C ASP B 90 46.98 18.19 -0.06
N PRO B 91 46.28 19.29 0.19
CA PRO B 91 45.01 19.50 -0.51
C PRO B 91 45.18 19.70 -2.01
N CYS B 92 46.37 20.12 -2.46
CA CYS B 92 46.62 20.35 -3.88
C CYS B 92 47.00 19.09 -4.63
N ALA B 93 47.39 18.02 -3.93
CA ALA B 93 47.63 16.75 -4.60
C ALA B 93 46.34 16.08 -5.05
N ALA B 94 45.22 16.44 -4.44
CA ALA B 94 43.95 15.85 -4.77
C ALA B 94 43.50 16.28 -6.17
N PRO B 95 42.58 15.54 -6.81
CA PRO B 95 41.96 14.27 -6.43
C PRO B 95 42.67 13.04 -6.95
N ASN B 96 43.91 13.20 -7.43
CA ASN B 96 44.60 12.09 -8.06
C ASN B 96 44.93 11.02 -7.04
N GLU B 97 44.60 9.77 -7.37
CA GLU B 97 44.74 8.67 -6.42
C GLU B 97 46.18 8.48 -5.99
N GLY B 98 47.11 8.53 -6.95
CA GLY B 98 48.49 8.17 -6.64
C GLY B 98 49.21 9.15 -5.75
N PHE B 99 48.71 10.37 -5.63
CA PHE B 99 49.38 11.41 -4.84
C PHE B 99 48.86 11.51 -3.42
N CYS B 100 47.89 10.67 -3.03
CA CYS B 100 47.36 10.71 -1.69
C CYS B 100 48.38 10.14 -0.70
N SER B 101 48.01 10.17 0.58
CA SER B 101 48.76 9.52 1.64
C SER B 101 48.12 8.23 2.11
N ALA B 102 46.80 8.18 2.22
CA ALA B 102 46.11 6.95 2.55
C ALA B 102 44.67 7.04 2.05
N GLY B 103 44.10 5.88 1.79
CA GLY B 103 42.72 5.79 1.39
C GLY B 103 42.30 4.35 1.31
N VAL B 104 40.99 4.13 1.45
CA VAL B 104 40.44 2.78 1.51
C VAL B 104 39.06 2.78 0.88
N GLN B 105 38.72 1.64 0.30
CA GLN B 105 37.38 1.42 -0.23
C GLN B 105 36.44 0.97 0.87
N THR B 106 35.17 1.32 0.73
CA THR B 106 34.11 0.88 1.63
C THR B 106 33.24 -0.15 0.91
N GLU B 107 32.60 -1.00 1.69
CA GLU B 107 31.69 -2.00 1.15
C GLU B 107 30.30 -1.45 0.88
N ALA B 108 30.14 -0.13 0.95
CA ALA B 108 28.87 0.52 0.66
C ALA B 108 29.17 2.01 0.58
N GLY B 109 28.17 2.76 0.17
CA GLY B 109 28.36 4.17 -0.14
C GLY B 109 28.87 4.97 1.04
N VAL B 110 29.20 6.22 0.74
CA VAL B 110 29.61 7.22 1.72
C VAL B 110 28.81 8.49 1.47
N ALA B 111 27.98 8.87 2.43
CA ALA B 111 27.14 10.04 2.30
C ALA B 111 27.67 11.25 3.05
N ASP B 112 28.35 11.03 4.16
CA ASP B 112 28.94 12.12 4.92
C ASP B 112 30.03 11.55 5.82
N LEU B 113 30.91 12.43 6.28
CA LEU B 113 31.98 12.01 7.17
C LEU B 113 32.41 13.19 8.02
N THR B 114 33.17 12.88 9.07
CA THR B 114 33.68 13.89 10.00
C THR B 114 34.87 13.31 10.72
N TRP B 115 35.53 14.17 11.49
CA TRP B 115 36.76 13.83 12.20
C TRP B 115 36.46 13.54 13.66
N VAL B 116 36.87 12.36 14.12
CA VAL B 116 36.89 12.01 15.54
C VAL B 116 38.31 12.17 16.03
N GLY B 117 38.57 13.26 16.73
CA GLY B 117 39.92 13.55 17.19
C GLY B 117 40.87 13.82 16.04
N GLU B 118 41.92 13.02 15.96
CA GLU B 118 42.94 13.14 14.93
C GLU B 118 43.17 11.83 14.18
N ARG B 119 43.26 10.71 14.91
CA ARG B 119 43.59 9.41 14.33
C ARG B 119 42.35 8.60 13.98
N GLY B 120 41.20 9.25 13.77
CA GLY B 120 39.97 8.55 13.51
C GLY B 120 39.05 9.32 12.60
N ILE B 121 38.21 8.59 11.90
CA ILE B 121 37.21 9.15 10.99
C ILE B 121 35.90 8.42 11.22
N LEU B 122 34.80 9.16 11.13
CA LEU B 122 33.45 8.63 11.28
C LEU B 122 32.72 8.85 9.98
N VAL B 123 31.97 7.85 9.52
CA VAL B 123 31.48 7.79 8.15
C VAL B 123 29.99 7.46 8.15
N ALA B 124 29.23 8.22 7.36
CA ALA B 124 27.82 7.97 7.13
C ALA B 124 27.65 7.17 5.84
N SER B 125 27.17 5.94 5.97
CA SER B 125 27.12 5.03 4.83
C SER B 125 25.76 5.08 4.14
N ASP B 126 25.75 4.60 2.91
CA ASP B 126 24.51 4.39 2.18
C ASP B 126 23.70 3.27 2.82
N SER B 127 24.37 2.34 3.49
CA SER B 127 23.77 1.10 3.96
C SER B 127 23.01 1.26 5.27
N GLY B 128 22.74 2.48 5.71
CA GLY B 128 22.09 2.65 6.98
C GLY B 128 22.96 2.34 8.16
N ALA B 129 24.25 2.68 8.10
CA ALA B 129 25.20 2.32 9.13
C ALA B 129 26.19 3.46 9.32
N VAL B 130 26.78 3.49 10.50
CA VAL B 130 27.77 4.50 10.87
C VAL B 130 29.07 3.78 11.18
N GLU B 131 30.12 4.12 10.43
CA GLU B 131 31.39 3.42 10.45
C GLU B 131 32.47 4.33 11.01
N LEU B 132 33.24 3.81 11.96
CA LEU B 132 34.37 4.53 12.54
C LEU B 132 35.65 3.90 12.05
N TRP B 133 36.46 4.69 11.35
CA TRP B 133 37.68 4.22 10.72
C TRP B 133 38.88 4.86 11.40
N GLU B 134 39.76 4.03 11.94
CA GLU B 134 41.01 4.49 12.50
C GLU B 134 42.04 4.70 11.39
N LEU B 135 43.02 5.56 11.68
CA LEU B 135 44.22 5.68 10.87
C LEU B 135 45.34 4.82 11.44
N ASP B 136 46.30 4.49 10.59
CA ASP B 136 47.47 3.74 11.02
C ASP B 136 48.40 4.63 11.84
N GLU B 137 49.54 4.04 12.23
CA GLU B 137 50.54 4.81 12.99
C GLU B 137 51.07 5.96 12.17
N ASN B 138 51.60 5.68 10.98
CA ASN B 138 52.04 6.72 10.07
C ASN B 138 50.89 7.32 9.25
N GLU B 139 49.65 6.87 9.49
CA GLU B 139 48.48 7.35 8.76
C GLU B 139 48.60 7.07 7.26
N THR B 140 49.30 6.00 6.90
CA THR B 140 49.32 5.50 5.53
C THR B 140 48.21 4.49 5.28
N LEU B 141 47.54 3.99 6.32
CA LEU B 141 46.49 3.00 6.20
C LEU B 141 45.30 3.41 7.04
N ILE B 142 44.16 2.84 6.69
CA ILE B 142 42.88 3.13 7.36
C ILE B 142 42.29 1.81 7.81
N VAL B 143 41.79 1.77 9.04
CA VAL B 143 41.33 0.54 9.68
C VAL B 143 39.98 0.79 10.34
N SER B 144 39.08 -0.17 10.20
CA SER B 144 37.74 -0.06 10.77
C SER B 144 37.80 -0.17 12.29
N LYS B 145 37.43 0.91 12.99
CA LYS B 145 37.20 0.80 14.42
C LYS B 145 35.94 -0.01 14.69
N PHE B 146 34.91 0.20 13.88
CA PHE B 146 33.72 -0.65 13.89
C PHE B 146 32.88 -0.32 12.67
N CYS B 147 31.91 -1.19 12.41
CA CYS B 147 30.80 -0.91 11.51
C CYS B 147 29.54 -1.45 12.16
N LYS B 148 28.51 -0.61 12.25
CA LYS B 148 27.29 -0.95 12.98
C LYS B 148 26.08 -0.48 12.19
N TYR B 149 25.12 -1.37 12.01
CA TYR B 149 23.91 -1.12 11.22
C TYR B 149 22.77 -0.88 12.19
N GLU B 150 22.48 0.39 12.45
CA GLU B 150 21.43 0.79 13.38
C GLU B 150 20.42 1.73 12.76
N HIS B 151 20.37 1.84 11.43
CA HIS B 151 19.39 2.65 10.74
C HIS B 151 18.65 1.81 9.72
N ASP B 152 17.34 2.01 9.66
CA ASP B 152 16.51 1.34 8.67
C ASP B 152 16.56 2.02 7.31
N ASP B 153 17.38 3.07 7.15
CA ASP B 153 17.52 3.75 5.87
C ASP B 153 18.77 4.61 5.95
N ILE B 154 19.03 5.37 4.87
CA ILE B 154 20.33 5.96 4.64
C ILE B 154 20.72 6.90 5.76
N VAL B 155 22.00 6.86 6.12
CA VAL B 155 22.60 7.81 7.06
C VAL B 155 22.89 9.09 6.29
N SER B 156 22.01 10.08 6.42
CA SER B 156 22.09 11.25 5.57
C SER B 156 23.17 12.21 6.04
N THR B 157 23.33 12.36 7.36
CA THR B 157 24.33 13.25 7.90
C THR B 157 24.80 12.71 9.24
N VAL B 158 26.00 13.11 9.62
CA VAL B 158 26.62 12.70 10.87
C VAL B 158 27.46 13.87 11.38
N SER B 159 27.39 14.06 12.70
CA SER B 159 28.18 15.08 13.37
C SER B 159 28.67 14.50 14.68
N VAL B 160 29.77 15.06 15.17
CA VAL B 160 30.41 14.61 16.41
C VAL B 160 30.19 15.69 17.45
N LEU B 161 29.90 15.26 18.68
CA LEU B 161 29.72 16.19 19.77
C LEU B 161 31.06 16.71 20.27
N SER B 162 31.02 17.89 20.88
CA SER B 162 32.22 18.69 21.10
C SER B 162 33.28 17.99 21.93
N SER B 163 32.91 17.05 22.80
CA SER B 163 33.90 16.32 23.57
C SER B 163 34.62 15.26 22.77
N GLY B 164 34.12 14.91 21.58
CA GLY B 164 34.76 13.93 20.73
C GLY B 164 34.45 12.49 21.07
N THR B 165 33.80 12.22 22.20
CA THR B 165 33.46 10.86 22.57
C THR B 165 32.17 10.38 21.94
N GLN B 166 31.27 11.29 21.56
CA GLN B 166 29.93 10.93 21.16
C GLN B 166 29.56 11.62 19.85
N ALA B 167 28.64 11.00 19.13
CA ALA B 167 28.27 11.41 17.79
C ALA B 167 26.77 11.33 17.60
N VAL B 168 26.27 12.17 16.70
CA VAL B 168 24.86 12.24 16.36
C VAL B 168 24.73 11.92 14.88
N SER B 169 23.85 10.98 14.56
CA SER B 169 23.63 10.52 13.19
C SER B 169 22.20 10.76 12.79
N GLY B 170 21.96 11.83 12.05
CA GLY B 170 20.66 12.07 11.49
C GLY B 170 20.41 11.18 10.30
N SER B 171 19.16 11.13 9.85
CA SER B 171 18.84 10.14 8.84
C SER B 171 17.51 10.40 8.16
N LYS B 172 17.28 9.61 7.12
CA LYS B 172 16.04 9.57 6.37
C LYS B 172 15.03 8.59 6.96
N ASP B 173 15.49 7.55 7.64
CA ASP B 173 14.63 6.81 8.55
C ASP B 173 14.42 7.58 9.82
N ILE B 174 13.30 8.27 9.92
CA ILE B 174 13.10 9.55 10.62
C ILE B 174 13.88 9.70 11.93
N CYS B 175 14.21 8.60 12.61
CA CYS B 175 14.81 8.64 13.94
C CYS B 175 16.26 9.10 13.89
N ILE B 176 16.53 10.19 14.61
CA ILE B 176 17.88 10.63 14.94
C ILE B 176 18.39 9.76 16.08
N LYS B 177 19.69 9.48 16.08
CA LYS B 177 20.32 8.65 17.07
C LYS B 177 21.60 9.29 17.56
N VAL B 178 22.01 8.90 18.76
CA VAL B 178 23.20 9.43 19.42
C VAL B 178 24.10 8.26 19.76
N TRP B 179 25.37 8.38 19.39
CA TRP B 179 26.32 7.30 19.46
C TRP B 179 27.36 7.57 20.53
N ASP B 180 27.71 6.54 21.29
CA ASP B 180 28.90 6.56 22.12
C ASP B 180 30.04 5.91 21.35
N LEU B 181 31.02 6.71 20.96
CA LEU B 181 32.08 6.24 20.08
C LEU B 181 33.09 5.36 20.78
N ALA B 182 33.26 5.52 22.08
CA ALA B 182 34.26 4.72 22.79
C ALA B 182 33.72 3.33 23.09
N GLN B 183 32.46 3.25 23.51
CA GLN B 183 31.79 1.97 23.70
C GLN B 183 31.25 1.39 22.41
N GLN B 184 31.20 2.19 21.33
CA GLN B 184 30.79 1.70 20.02
C GLN B 184 29.36 1.19 20.03
N VAL B 185 28.47 1.93 20.71
CA VAL B 185 27.08 1.53 20.83
C VAL B 185 26.20 2.77 20.94
N VAL B 186 24.96 2.62 20.52
CA VAL B 186 24.00 3.71 20.51
C VAL B 186 23.32 3.76 21.87
N LEU B 187 23.29 4.94 22.48
CA LEU B 187 22.66 5.15 23.77
C LEU B 187 21.24 5.66 23.68
N SER B 188 20.93 6.44 22.64
CA SER B 188 19.66 7.12 22.53
C SER B 188 19.19 7.07 21.09
N SER B 189 17.87 7.17 20.93
CA SER B 189 17.23 7.11 19.61
C SER B 189 15.96 7.93 19.70
N TYR B 190 16.04 9.17 19.22
CA TYR B 190 14.94 10.12 19.31
C TYR B 190 14.24 10.25 17.97
N ARG B 191 13.02 9.74 17.89
CA ARG B 191 12.22 9.77 16.67
C ARG B 191 11.27 10.96 16.67
N ALA B 192 11.85 12.16 16.70
CA ALA B 192 11.07 13.37 16.91
C ALA B 192 10.52 13.97 15.62
N HIS B 193 11.20 13.78 14.51
CA HIS B 193 10.81 14.43 13.26
C HIS B 193 9.69 13.64 12.60
N ALA B 194 9.28 14.10 11.42
CA ALA B 194 8.23 13.47 10.62
C ALA B 194 8.68 13.14 9.21
N ALA B 195 9.97 13.27 8.91
CA ALA B 195 10.45 13.14 7.55
C ALA B 195 11.96 12.97 7.57
N GLN B 196 12.59 13.19 6.43
CA GLN B 196 14.03 13.08 6.33
C GLN B 196 14.70 14.23 7.05
N VAL B 197 15.57 13.91 8.01
CA VAL B 197 16.43 14.89 8.65
C VAL B 197 17.54 15.22 7.66
N THR B 198 17.40 16.36 6.97
CA THR B 198 18.37 16.72 5.95
C THR B 198 19.75 16.98 6.55
N CYS B 199 19.81 17.75 7.63
CA CYS B 199 21.07 18.18 8.18
C CYS B 199 20.96 18.40 9.68
N VAL B 200 22.11 18.34 10.33
CA VAL B 200 22.24 18.51 11.77
C VAL B 200 23.53 19.27 12.01
N ALA B 201 23.66 19.79 13.23
CA ALA B 201 24.86 20.53 13.59
C ALA B 201 25.11 20.39 15.09
N ALA B 202 26.14 19.64 15.46
CA ALA B 202 26.56 19.60 16.85
C ALA B 202 27.04 20.97 17.28
N SER B 203 26.73 21.34 18.53
CA SER B 203 27.17 22.61 19.05
C SER B 203 28.69 22.61 19.21
N PRO B 204 29.37 23.74 18.96
CA PRO B 204 30.83 23.74 19.04
C PRO B 204 31.38 24.00 20.44
N HIS B 205 30.52 24.30 21.41
CA HIS B 205 30.92 24.55 22.79
C HIS B 205 30.30 23.55 23.78
N LYS B 206 29.04 23.20 23.60
CA LYS B 206 28.29 22.37 24.53
C LYS B 206 28.18 20.96 23.98
N ASP B 207 28.64 19.98 24.75
CA ASP B 207 28.70 18.62 24.23
C ASP B 207 27.32 18.00 24.09
N SER B 208 26.38 18.33 24.97
CA SER B 208 25.08 17.69 24.96
C SER B 208 24.12 18.27 23.93
N VAL B 209 24.54 19.27 23.17
CA VAL B 209 23.65 20.06 22.34
C VAL B 209 23.97 19.81 20.87
N PHE B 210 22.92 19.59 20.07
CA PHE B 210 23.05 19.56 18.63
C PHE B 210 21.75 20.09 18.02
N LEU B 211 21.85 20.51 16.76
CA LEU B 211 20.70 20.93 15.99
C LEU B 211 20.19 19.80 15.11
N SER B 212 18.99 20.00 14.58
CA SER B 212 18.44 19.11 13.58
C SER B 212 17.38 19.85 12.78
N CYS B 213 17.31 19.53 11.50
CA CYS B 213 16.28 20.03 10.62
C CYS B 213 15.86 18.92 9.69
N SER B 214 14.65 19.06 9.14
CA SER B 214 14.06 18.00 8.34
C SER B 214 13.15 18.63 7.29
N GLU B 215 12.66 17.77 6.39
CA GLU B 215 11.74 18.22 5.37
C GLU B 215 10.34 18.49 5.90
N ASP B 216 10.09 18.32 7.20
CA ASP B 216 8.84 18.73 7.80
C ASP B 216 8.81 20.22 8.15
N ASN B 217 9.87 20.96 7.79
CA ASN B 217 10.03 22.39 8.05
C ASN B 217 10.39 22.67 9.51
N ARG B 218 10.53 21.64 10.35
CA ARG B 218 10.95 21.84 11.72
C ARG B 218 12.43 22.15 11.81
N ILE B 219 12.78 23.02 12.75
CA ILE B 219 14.16 23.26 13.13
C ILE B 219 14.25 23.11 14.64
N LEU B 220 14.94 22.09 15.09
CA LEU B 220 14.91 21.66 16.48
C LEU B 220 16.27 21.85 17.14
N LEU B 221 16.26 22.44 18.34
CA LEU B 221 17.42 22.47 19.22
C LEU B 221 17.30 21.34 20.22
N TRP B 222 18.37 20.56 20.37
CA TRP B 222 18.38 19.36 21.19
C TRP B 222 19.33 19.53 22.36
N ASP B 223 18.97 18.90 23.49
CA ASP B 223 19.81 18.88 24.68
C ASP B 223 19.57 17.55 25.38
N THR B 224 20.53 16.65 25.28
CA THR B 224 20.36 15.29 25.80
C THR B 224 20.46 15.19 27.32
N ARG B 225 20.54 16.31 28.03
CA ARG B 225 20.43 16.31 29.48
C ARG B 225 18.97 16.44 29.94
N CYS B 226 18.12 17.02 29.13
CA CYS B 226 16.74 17.30 29.47
C CYS B 226 15.87 16.05 29.34
N PRO B 227 14.66 16.05 29.92
CA PRO B 227 13.80 14.87 29.81
C PRO B 227 13.00 14.81 28.52
N LYS B 228 12.68 15.96 27.93
CA LYS B 228 12.09 16.06 26.60
C LYS B 228 13.10 16.88 25.80
N PRO B 229 14.14 16.24 25.24
CA PRO B 229 15.34 16.98 24.84
C PRO B 229 15.13 18.11 23.85
N ALA B 230 14.16 17.99 22.97
CA ALA B 230 14.08 18.85 21.82
C ALA B 230 13.17 20.04 22.05
N SER B 231 13.46 21.12 21.34
CA SER B 231 12.66 22.34 21.39
C SER B 231 12.73 22.99 20.02
N GLN B 232 11.67 23.71 19.67
CA GLN B 232 11.46 24.17 18.31
C GLN B 232 11.92 25.60 18.14
N ILE B 233 12.57 25.86 17.01
CA ILE B 233 12.99 27.20 16.61
C ILE B 233 12.24 27.57 15.34
N GLY B 234 11.89 28.83 15.23
CA GLY B 234 11.25 29.34 14.03
C GLY B 234 12.16 29.26 12.82
N GLY B 239 8.12 29.70 4.74
CA GLY B 239 7.51 28.41 4.46
C GLY B 239 8.40 27.42 3.73
N TYR B 240 9.51 27.91 3.18
CA TYR B 240 10.44 27.04 2.47
C TYR B 240 11.24 26.19 3.44
N LEU B 241 11.64 25.01 2.97
CA LEU B 241 12.14 23.99 3.87
C LEU B 241 13.62 24.22 4.22
N PRO B 242 14.08 23.71 5.36
CA PRO B 242 15.48 23.88 5.73
C PRO B 242 16.35 22.78 5.12
N THR B 243 17.54 23.17 4.68
CA THR B 243 18.48 22.26 4.04
C THR B 243 19.77 22.04 4.81
N SER B 244 20.31 23.07 5.46
CA SER B 244 21.56 22.92 6.19
C SER B 244 21.66 23.99 7.25
N LEU B 245 22.42 23.69 8.30
CA LEU B 245 22.53 24.52 9.49
C LEU B 245 23.99 24.66 9.88
N ALA B 246 24.33 25.81 10.45
CA ALA B 246 25.65 26.00 11.04
C ALA B 246 25.55 26.86 12.28
N TRP B 247 26.10 26.35 13.37
CA TRP B 247 26.32 27.16 14.56
C TRP B 247 27.41 28.19 14.30
N HIS B 248 27.24 29.37 14.88
CA HIS B 248 28.32 30.33 14.89
C HIS B 248 29.32 29.92 15.96
N PRO B 249 30.62 29.81 15.65
CA PRO B 249 31.53 29.16 16.60
C PRO B 249 31.80 29.97 17.85
N GLN B 250 31.49 31.27 17.85
CA GLN B 250 31.68 32.14 19.01
C GLN B 250 30.38 32.49 19.70
N GLN B 251 29.36 32.91 18.93
CA GLN B 251 28.03 33.14 19.48
C GLN B 251 27.30 31.79 19.53
N SER B 252 27.74 30.97 20.49
CA SER B 252 27.29 29.59 20.62
C SER B 252 25.77 29.42 20.68
N GLU B 253 25.03 30.47 21.02
CA GLU B 253 23.58 30.42 21.11
C GLU B 253 22.87 30.86 19.83
N VAL B 254 23.60 31.20 18.76
CA VAL B 254 23.02 31.70 17.53
C VAL B 254 23.62 30.95 16.35
N PHE B 255 22.78 30.67 15.36
CA PHE B 255 23.14 29.85 14.20
C PHE B 255 22.60 30.47 12.92
N VAL B 256 22.93 29.82 11.80
CA VAL B 256 22.39 30.15 10.48
C VAL B 256 21.79 28.89 9.88
N PHE B 257 20.83 29.09 8.97
CA PHE B 257 20.28 27.99 8.19
C PHE B 257 20.17 28.39 6.73
N GLY B 258 20.12 27.38 5.86
CA GLY B 258 19.86 27.56 4.45
C GLY B 258 18.67 26.75 3.98
N ASP B 259 17.89 27.30 3.05
CA ASP B 259 16.67 26.67 2.59
C ASP B 259 16.74 26.40 1.08
N GLU B 260 15.83 25.55 0.63
CA GLU B 260 15.82 25.09 -0.75
C GLU B 260 15.66 26.24 -1.74
N ASN B 261 15.01 27.32 -1.33
CA ASN B 261 14.81 28.46 -2.21
C ASN B 261 16.06 29.32 -2.34
N GLY B 262 17.15 28.99 -1.63
CA GLY B 262 18.38 29.73 -1.71
C GLY B 262 18.52 30.87 -0.73
N THR B 263 17.50 31.15 0.07
CA THR B 263 17.62 32.15 1.10
C THR B 263 18.51 31.64 2.23
N VAL B 264 19.34 32.53 2.76
CA VAL B 264 20.22 32.24 3.88
C VAL B 264 19.80 33.13 5.03
N SER B 265 19.86 32.59 6.25
CA SER B 265 19.28 33.25 7.41
C SER B 265 20.23 33.12 8.60
N LEU B 266 20.08 34.06 9.53
CA LEU B 266 20.76 34.07 10.81
C LEU B 266 19.68 34.18 11.89
N VAL B 267 19.64 33.21 12.78
CA VAL B 267 18.58 33.13 13.79
C VAL B 267 19.18 32.70 15.11
N ASP B 268 18.71 33.32 16.19
CA ASP B 268 19.19 33.06 17.53
C ASP B 268 18.34 31.99 18.21
N THR B 269 18.96 31.32 19.19
CA THR B 269 18.22 30.37 20.02
C THR B 269 17.10 31.06 20.79
N LYS B 270 17.37 32.24 21.34
CA LYS B 270 16.36 33.02 22.06
C LYS B 270 15.35 33.69 21.14
N SER B 271 15.45 33.53 19.82
CA SER B 271 14.52 34.14 18.89
C SER B 271 14.26 33.21 17.71
N CYS B 274 12.58 38.00 13.26
CA CYS B 274 13.84 37.46 13.75
C CYS B 274 14.76 37.01 12.61
N VAL B 275 14.19 36.80 11.43
CA VAL B 275 14.96 36.20 10.33
C VAL B 275 15.68 37.29 9.54
N LEU B 276 16.86 37.68 10.01
CA LEU B 276 17.77 38.43 9.17
C LEU B 276 18.29 37.50 8.09
N SER B 277 18.08 37.85 6.82
CA SER B 277 18.28 36.90 5.75
C SER B 277 18.52 37.63 4.45
N SER B 278 19.01 36.87 3.47
CA SER B 278 19.30 37.37 2.14
C SER B 278 19.12 36.24 1.13
N ALA B 279 18.66 36.60 -0.06
CA ALA B 279 18.44 35.63 -1.14
C ALA B 279 19.74 35.41 -1.93
N VAL B 280 20.67 34.72 -1.27
CA VAL B 280 22.00 34.53 -1.84
C VAL B 280 21.92 33.69 -3.11
N HIS B 281 21.48 32.45 -2.98
CA HIS B 281 21.52 31.47 -4.06
C HIS B 281 20.18 31.41 -4.77
N SER B 282 20.20 30.79 -5.95
CA SER B 282 18.96 30.43 -6.65
C SER B 282 18.47 29.05 -6.30
N GLN B 283 19.36 28.15 -5.87
CA GLN B 283 19.03 26.75 -5.64
C GLN B 283 19.54 26.31 -4.28
N CYS B 284 19.12 25.10 -3.91
CA CYS B 284 19.29 24.51 -2.59
C CYS B 284 20.66 24.71 -1.98
N VAL B 285 20.68 25.32 -0.81
CA VAL B 285 21.90 25.57 -0.06
C VAL B 285 22.28 24.30 0.67
N THR B 286 23.23 23.55 0.11
CA THR B 286 23.58 22.26 0.68
C THR B 286 24.35 22.42 1.98
N GLY B 287 25.18 23.45 2.09
CA GLY B 287 26.06 23.59 3.22
C GLY B 287 26.40 25.01 3.61
N LEU B 288 26.43 25.24 4.91
CA LEU B 288 26.89 26.49 5.50
C LEU B 288 28.07 26.15 6.41
N VAL B 289 29.22 26.78 6.16
CA VAL B 289 30.47 26.46 6.84
C VAL B 289 31.11 27.75 7.29
N PHE B 290 31.68 27.73 8.48
CA PHE B 290 32.25 28.91 9.11
C PHE B 290 33.77 28.81 9.17
N SER B 291 34.43 29.90 8.79
CA SER B 291 35.87 29.94 8.76
C SER B 291 36.45 29.94 10.18
N PRO B 292 37.74 29.60 10.34
CA PRO B 292 38.36 29.61 11.66
C PRO B 292 38.87 30.98 12.12
N HIS B 293 38.50 32.07 11.46
CA HIS B 293 38.92 33.38 11.94
C HIS B 293 38.33 33.65 13.31
N SER B 294 38.88 34.67 13.97
CA SER B 294 38.19 35.26 15.11
C SER B 294 36.89 35.93 14.66
N VAL B 295 36.94 36.66 13.55
CA VAL B 295 35.76 37.23 12.90
C VAL B 295 35.44 36.34 11.70
N PRO B 296 34.60 35.32 11.84
CA PRO B 296 34.53 34.29 10.81
C PRO B 296 33.75 34.72 9.57
N PHE B 297 34.06 34.05 8.47
CA PHE B 297 33.42 34.27 7.18
C PHE B 297 32.55 33.06 6.86
N LEU B 298 31.30 33.33 6.53
CA LEU B 298 30.31 32.27 6.30
C LEU B 298 30.37 31.82 4.85
N ALA B 299 30.98 30.67 4.62
CA ALA B 299 30.94 30.05 3.31
C ALA B 299 29.56 29.44 3.07
N SER B 300 29.05 29.61 1.86
CA SER B 300 27.78 29.04 1.44
C SER B 300 27.95 28.40 0.08
N LEU B 301 27.55 27.13 -0.03
CA LEU B 301 27.68 26.36 -1.25
C LEU B 301 26.34 25.73 -1.58
N SER B 302 26.02 25.71 -2.87
CA SER B 302 24.67 25.44 -3.34
C SER B 302 24.68 24.46 -4.49
N GLU B 303 23.49 23.91 -4.75
CA GLU B 303 23.22 23.11 -5.93
C GLU B 303 23.19 23.96 -7.20
N ASP B 304 23.29 25.28 -7.08
CA ASP B 304 23.44 26.17 -8.23
C ASP B 304 24.83 26.07 -8.86
N CYS B 305 25.72 25.23 -8.33
CA CYS B 305 27.07 25.06 -8.80
C CYS B 305 27.92 26.29 -8.56
N SER B 306 27.56 27.08 -7.54
CA SER B 306 28.24 28.31 -7.21
C SER B 306 28.55 28.33 -5.72
N LEU B 307 29.61 29.05 -5.39
CA LEU B 307 30.07 29.22 -4.01
C LEU B 307 30.06 30.70 -3.68
N ALA B 308 29.31 31.06 -2.64
CA ALA B 308 29.21 32.42 -2.16
C ALA B 308 29.66 32.46 -0.72
N VAL B 309 30.53 33.40 -0.39
CA VAL B 309 31.10 33.55 0.94
C VAL B 309 30.56 34.85 1.54
N LEU B 310 30.17 34.80 2.80
CA LEU B 310 29.46 35.87 3.47
C LEU B 310 30.14 36.26 4.77
N ASP B 311 29.63 37.31 5.37
CA ASP B 311 30.01 37.77 6.69
C ASP B 311 28.75 37.90 7.55
N SER B 312 28.92 38.45 8.76
CA SER B 312 27.80 38.58 9.68
C SER B 312 26.65 39.41 9.11
N SER B 313 26.92 40.28 8.15
CA SER B 313 25.85 41.05 7.52
C SER B 313 25.07 40.26 6.48
N LEU B 314 25.55 39.08 6.11
CA LEU B 314 24.95 38.23 5.07
C LEU B 314 25.01 38.87 3.69
N SER B 315 25.77 39.95 3.51
CA SER B 315 26.00 40.50 2.19
C SER B 315 27.11 39.71 1.50
N GLU B 316 26.99 39.56 0.19
CA GLU B 316 27.93 38.75 -0.57
C GLU B 316 29.23 39.51 -0.79
N LEU B 317 30.34 38.87 -0.45
CA LEU B 317 31.68 39.40 -0.68
C LEU B 317 32.38 38.77 -1.88
N PHE B 318 32.07 37.51 -2.17
CA PHE B 318 32.78 36.76 -3.19
C PHE B 318 31.82 35.72 -3.77
N ARG B 319 32.01 35.43 -5.07
CA ARG B 319 31.20 34.42 -5.75
C ARG B 319 32.08 33.66 -6.73
N SER B 320 32.02 32.33 -6.64
CA SER B 320 32.75 31.43 -7.52
C SER B 320 31.77 30.52 -8.24
N GLN B 321 31.64 30.69 -9.55
CA GLN B 321 30.89 29.77 -10.39
C GLN B 321 31.82 28.83 -11.14
N ALA B 322 32.96 28.49 -10.55
CA ALA B 322 33.95 27.66 -11.24
C ALA B 322 33.53 26.21 -11.32
N HIS B 323 32.66 25.76 -10.43
CA HIS B 323 32.23 24.37 -10.44
C HIS B 323 31.20 24.14 -11.54
N ARG B 324 31.34 23.01 -12.21
CA ARG B 324 30.47 22.63 -13.31
C ARG B 324 29.22 21.89 -12.87
N ASP B 325 29.11 21.56 -11.59
CA ASP B 325 28.02 20.76 -11.07
C ASP B 325 27.90 21.10 -9.59
N PHE B 326 27.19 20.28 -8.84
CA PHE B 326 26.90 20.62 -7.45
C PHE B 326 28.16 20.65 -6.60
N VAL B 327 28.32 21.74 -5.87
CA VAL B 327 29.32 21.81 -4.81
C VAL B 327 28.77 21.07 -3.61
N ARG B 328 29.54 20.13 -3.09
CA ARG B 328 29.07 19.23 -2.03
C ARG B 328 29.52 19.67 -0.66
N ASP B 329 30.77 20.12 -0.54
CA ASP B 329 31.34 20.42 0.75
C ASP B 329 32.33 21.55 0.60
N ALA B 330 32.61 22.18 1.72
CA ALA B 330 33.58 23.24 1.80
C ALA B 330 34.23 23.20 3.16
N THR B 331 35.53 23.46 3.19
CA THR B 331 36.28 23.43 4.44
C THR B 331 37.46 24.37 4.32
N TRP B 332 37.54 25.31 5.25
CA TRP B 332 38.60 26.31 5.25
C TRP B 332 39.88 25.68 5.79
N SER B 333 41.00 26.05 5.20
CA SER B 333 42.25 25.45 5.59
C SER B 333 42.77 26.09 6.87
N PRO B 334 43.42 25.34 7.76
CA PRO B 334 44.00 25.97 8.96
C PRO B 334 45.29 26.72 8.69
N LEU B 335 46.00 26.40 7.61
CA LEU B 335 47.26 27.05 7.29
C LEU B 335 47.11 28.30 6.44
N ASN B 336 45.92 28.56 5.91
CA ASN B 336 45.66 29.80 5.20
C ASN B 336 44.17 30.07 5.33
N HIS B 337 43.83 31.00 6.22
CA HIS B 337 42.45 31.29 6.53
C HIS B 337 41.71 31.97 5.40
N SER B 338 42.43 32.51 4.42
CA SER B 338 41.80 33.04 3.21
C SER B 338 41.47 31.96 2.19
N LEU B 339 41.98 30.75 2.38
CA LEU B 339 41.89 29.68 1.39
C LEU B 339 40.70 28.79 1.74
N LEU B 340 39.78 28.66 0.79
CA LEU B 340 38.62 27.78 0.91
C LEU B 340 38.71 26.68 -0.14
N THR B 341 38.61 25.45 0.31
CA THR B 341 38.66 24.28 -0.56
C THR B 341 37.26 23.71 -0.74
N THR B 342 36.93 23.32 -1.97
CA THR B 342 35.65 22.72 -2.30
C THR B 342 35.84 21.48 -3.14
N VAL B 343 34.78 20.69 -3.20
CA VAL B 343 34.71 19.49 -4.02
C VAL B 343 33.30 19.37 -4.55
N GLY B 344 33.15 18.61 -5.64
CA GLY B 344 31.88 18.50 -6.32
C GLY B 344 31.75 17.19 -7.05
N TRP B 345 30.55 16.95 -7.58
CA TRP B 345 30.31 15.80 -8.43
C TRP B 345 30.93 15.96 -9.80
N ASP B 346 31.36 17.15 -10.18
CA ASP B 346 32.20 17.32 -11.36
C ASP B 346 33.64 16.87 -11.14
N HIS B 347 33.97 16.32 -9.97
CA HIS B 347 35.26 15.73 -9.65
C HIS B 347 36.37 16.74 -9.47
N GLN B 348 36.08 18.04 -9.59
CA GLN B 348 37.12 19.03 -9.38
C GLN B 348 37.38 19.21 -7.90
N VAL B 349 38.64 19.43 -7.57
CA VAL B 349 39.07 19.86 -6.24
C VAL B 349 39.63 21.26 -6.42
N VAL B 350 38.93 22.25 -5.88
CA VAL B 350 39.21 23.66 -6.11
C VAL B 350 39.61 24.29 -4.79
N HIS B 351 40.59 25.17 -4.85
CA HIS B 351 40.99 26.00 -3.73
C HIS B 351 40.75 27.45 -4.09
N HIS B 352 39.79 28.08 -3.41
CA HIS B 352 39.49 29.48 -3.60
C HIS B 352 40.20 30.30 -2.53
N VAL B 353 40.88 31.35 -2.96
CA VAL B 353 41.45 32.35 -2.05
C VAL B 353 40.58 33.59 -2.10
N VAL B 354 40.16 34.05 -0.94
CA VAL B 354 39.07 35.03 -0.81
C VAL B 354 39.68 36.36 -0.40
N PRO B 355 39.33 37.48 -1.06
CA PRO B 355 39.80 38.78 -0.57
C PRO B 355 39.17 39.13 0.77
N THR B 356 40.01 39.47 1.74
CA THR B 356 39.54 39.88 3.07
C THR B 356 40.31 41.11 3.54
#